data_8T6U
#
_entry.id   8T6U
#
_cell.length_a   1.00
_cell.length_b   1.00
_cell.length_c   1.00
_cell.angle_alpha   90.00
_cell.angle_beta   90.00
_cell.angle_gamma   90.00
#
_symmetry.space_group_name_H-M   'P 1'
#
loop_
_entity.id
_entity.type
_entity.pdbx_description
1 polymer 'Band 3 anion transport protein'
2 branched 2-acetamido-2-deoxy-beta-D-glucopyranose-(1-4)-2-acetamido-2-deoxy-beta-D-glucopyranose
3 non-polymer CHOLESTEROL
4 non-polymer 1,2-DIACYL-SN-GLYCERO-3-PHOSPHOCHOLINE
5 non-polymer 2-[[2-[bis(2-hydroxyethyl)amino]-4,8-di(piperidin-1-yl)pyrimido[5,4-d]pyrimidin-6-yl]-(2-hydroxyethyl)amino]ethanol
6 water water
#
_entity_poly.entity_id   1
_entity_poly.type   'polypeptide(L)'
_entity_poly.pdbx_seq_one_letter_code
;DDPLQQTGQLFGGLVRDIRRRYPYYLSDITDAFSPQVLAAVIFIYFAALSPAITFGGLLGEKTRNQMGVSELLISTAVQG
ILFALLGAQPLLVVGFSGPLLVFEEAFFSFCETNGLEYIVGRVWIGFWLILLVVLVVAFEGSFLVRFISRYTQEIFSFLI
SLIFIYETFSKLIKIFQDHPLQKTYNYNVLMVPKPQGPLPNTALLSLVLMAGTFFFAMMLRKFKNSSYFPGKLRRVIGDF
GVPISILIMVLVDFFIQDTYTQKLSVPDGFKVSNSSARGWVIHPLGLRSEFPIWMMFASALPALLVFILIFLESQITTLI
VSKPERKMVKGSGFHLDLLLVVGMGGVAALFGMPWLSATTVRSVTHANALTVMGKASTPGAAAQIQEVKEQRISGLLVAV
LVGLSILMEPILSRIPLAVLFGIFLYMGVTSLSGIQLFDRILLLFKPPKYHPDVPYVKRVKTWRMHLFTGIQIICLAVLW
VVKSTPASLALPFVLILTVPLRRVLLPLIFRNVELQCLDADDA
;
_entity_poly.pdbx_strand_id   A,B
#
loop_
_chem_comp.id
_chem_comp.type
_chem_comp.name
_chem_comp.formula
CLR non-polymer CHOLESTEROL 'C27 H46 O'
H9F non-polymer 2-[[2-[bis(2-hydroxyethyl)amino]-4,8-di(piperidin-1-yl)pyrimido[5,4-d]pyrimidin-6-yl]-(2-hydroxyethyl)amino]ethanol 'C24 H40 N8 O4'
NAG D-saccharide, beta linking 2-acetamido-2-deoxy-beta-D-glucopyranose 'C8 H15 N O6'
PC1 non-polymer 1,2-DIACYL-SN-GLYCERO-3-PHOSPHOCHOLINE 'C44 H88 N O8 P'
#
# COMPACT_ATOMS: atom_id res chain seq x y z
N ASP A 1 12.44 -19.82 40.88
CA ASP A 1 12.25 -18.60 40.04
C ASP A 1 11.16 -18.85 38.99
N ASP A 2 11.10 -20.08 38.44
CA ASP A 2 10.08 -20.49 37.49
C ASP A 2 8.69 -20.39 38.12
N PRO A 3 7.76 -19.56 37.59
CA PRO A 3 6.45 -19.38 38.19
C PRO A 3 5.60 -20.64 38.33
N LEU A 4 5.58 -21.48 37.27
CA LEU A 4 4.70 -22.64 37.20
C LEU A 4 5.33 -23.85 37.91
N GLN A 5 5.20 -23.84 39.26
CA GLN A 5 5.63 -24.92 40.13
C GLN A 5 4.66 -25.08 41.30
N GLN A 6 4.42 -26.34 41.68
CA GLN A 6 3.66 -26.68 42.88
C GLN A 6 4.57 -26.52 44.10
N THR A 7 4.21 -25.58 44.99
CA THR A 7 4.90 -25.31 46.24
C THR A 7 4.64 -26.45 47.23
N GLY A 8 3.38 -26.92 47.25
CA GLY A 8 2.93 -27.97 48.15
C GLY A 8 2.26 -27.41 49.40
N GLN A 9 1.63 -26.22 49.27
CA GLN A 9 0.91 -25.56 50.36
C GLN A 9 -0.23 -24.75 49.76
N LEU A 10 -1.25 -24.43 50.57
CA LEU A 10 -2.47 -23.77 50.13
C LEU A 10 -2.17 -22.31 49.80
N PHE A 11 -2.47 -21.91 48.56
CA PHE A 11 -2.24 -20.58 48.00
C PHE A 11 -0.75 -20.26 48.03
N GLY A 12 0.06 -21.21 47.57
CA GLY A 12 1.51 -21.06 47.54
C GLY A 12 1.96 -20.24 46.35
N GLY A 13 1.35 -20.51 45.19
CA GLY A 13 1.60 -19.80 43.95
C GLY A 13 1.15 -18.32 44.01
N LEU A 14 -0.05 -18.09 44.54
CA LEU A 14 -0.60 -16.75 44.73
C LEU A 14 0.33 -15.86 45.54
N VAL A 15 0.88 -16.38 46.65
CA VAL A 15 1.80 -15.67 47.53
C VAL A 15 3.13 -15.39 46.82
N ARG A 16 3.61 -16.41 46.08
CA ARG A 16 4.88 -16.35 45.37
C ARG A 16 4.81 -15.39 44.18
N ASP A 17 3.62 -15.25 43.57
CA ASP A 17 3.37 -14.32 42.47
C ASP A 17 3.38 -12.89 42.96
N ILE A 18 2.77 -12.64 44.12
CA ILE A 18 2.74 -11.31 44.77
C ILE A 18 4.17 -10.94 45.20
N ARG A 19 4.83 -11.89 45.88
CA ARG A 19 6.19 -11.74 46.38
C ARG A 19 7.18 -11.38 45.27
N ARG A 20 6.89 -11.80 44.04
CA ARG A 20 7.88 -11.58 42.94
C ARG A 20 7.69 -10.23 42.24
N ARG A 21 6.45 -9.79 42.03
CA ARG A 21 6.20 -8.61 41.22
C ARG A 21 6.08 -7.32 42.04
N TYR A 22 5.51 -7.39 43.25
CA TYR A 22 5.18 -6.21 44.03
C TYR A 22 6.43 -5.46 44.46
N PRO A 23 7.60 -6.12 44.68
CA PRO A 23 8.88 -5.43 44.82
C PRO A 23 9.24 -4.46 43.69
N TYR A 24 8.68 -4.67 42.49
CA TYR A 24 8.89 -3.82 41.33
C TYR A 24 7.83 -2.72 41.17
N TYR A 25 6.93 -2.56 42.15
CA TYR A 25 5.73 -1.73 42.01
C TYR A 25 6.07 -0.26 41.85
N LEU A 26 7.15 0.19 42.52
CA LEU A 26 7.58 1.58 42.37
C LEU A 26 8.18 1.79 40.98
N SER A 27 8.84 0.77 40.43
CA SER A 27 9.34 0.76 39.04
C SER A 27 8.21 0.74 38.02
N ASP A 28 7.05 0.14 38.38
CA ASP A 28 5.88 0.03 37.53
C ASP A 28 5.18 1.38 37.37
N ILE A 29 5.62 2.44 38.05
CA ILE A 29 5.07 3.78 37.88
C ILE A 29 6.06 4.66 37.11
N THR A 30 7.35 4.64 37.50
CA THR A 30 8.37 5.47 36.87
C THR A 30 8.65 5.02 35.43
N ASP A 31 8.69 3.71 35.19
CA ASP A 31 9.01 3.18 33.87
C ASP A 31 8.03 3.68 32.82
N ALA A 32 6.86 4.14 33.27
CA ALA A 32 5.82 4.63 32.37
C ALA A 32 6.12 6.03 31.87
N PHE A 33 7.19 6.66 32.36
CA PHE A 33 7.51 8.04 31.99
C PHE A 33 8.33 8.06 30.70
N SER A 34 7.65 7.78 29.57
CA SER A 34 8.27 7.79 28.26
C SER A 34 7.21 8.08 27.21
N PRO A 35 7.55 8.82 26.12
CA PRO A 35 6.60 9.14 25.08
C PRO A 35 6.03 7.87 24.44
N GLN A 36 6.85 6.81 24.34
CA GLN A 36 6.43 5.56 23.77
C GLN A 36 5.26 4.98 24.56
N VAL A 37 5.27 5.19 25.88
CA VAL A 37 4.21 4.73 26.79
C VAL A 37 2.90 5.48 26.52
N LEU A 38 2.99 6.79 26.26
CA LEU A 38 1.85 7.63 25.97
C LEU A 38 1.24 7.25 24.61
N ALA A 39 2.09 6.87 23.64
CA ALA A 39 1.66 6.40 22.34
C ALA A 39 0.92 5.07 22.43
N ALA A 40 1.29 4.22 23.39
CA ALA A 40 0.62 2.96 23.66
C ALA A 40 -0.76 3.17 24.28
N VAL A 41 -0.87 4.14 25.21
CA VAL A 41 -2.12 4.49 25.86
C VAL A 41 -3.17 4.87 24.82
N ILE A 42 -2.79 5.72 23.84
CA ILE A 42 -3.66 6.22 22.79
C ILE A 42 -4.08 5.08 21.85
N PHE A 43 -3.12 4.23 21.48
CA PHE A 43 -3.31 3.11 20.55
C PHE A 43 -4.21 2.04 21.17
N ILE A 44 -3.87 1.59 22.38
CA ILE A 44 -4.53 0.47 23.03
C ILE A 44 -5.91 0.90 23.54
N TYR A 45 -6.12 2.20 23.75
CA TYR A 45 -7.43 2.75 24.08
C TYR A 45 -8.47 2.39 23.02
N PHE A 46 -8.20 2.77 21.77
CA PHE A 46 -9.06 2.46 20.62
C PHE A 46 -9.15 0.96 20.35
N ALA A 47 -8.04 0.25 20.60
CA ALA A 47 -7.95 -1.20 20.51
C ALA A 47 -8.82 -1.89 21.55
N ALA A 48 -8.99 -1.25 22.73
CA ALA A 48 -9.74 -1.78 23.85
C ALA A 48 -11.20 -1.35 23.81
N LEU A 49 -11.43 -0.09 23.38
CA LEU A 49 -12.76 0.53 23.38
C LEU A 49 -13.67 -0.13 22.34
N SER A 50 -13.27 -0.06 21.06
CA SER A 50 -14.12 -0.40 19.93
C SER A 50 -14.67 -1.83 19.99
N PRO A 51 -13.89 -2.83 20.43
CA PRO A 51 -14.44 -4.14 20.78
C PRO A 51 -15.55 -4.12 21.84
N ALA A 52 -15.34 -3.38 22.93
CA ALA A 52 -16.39 -3.26 23.97
C ALA A 52 -17.62 -2.55 23.38
N ILE A 53 -17.43 -1.62 22.45
CA ILE A 53 -18.55 -0.94 21.80
C ILE A 53 -19.31 -1.96 20.93
N THR A 54 -18.56 -2.79 20.18
CA THR A 54 -19.12 -3.74 19.23
C THR A 54 -19.81 -4.89 19.96
N PHE A 55 -19.03 -5.61 20.79
CA PHE A 55 -19.60 -6.73 21.59
C PHE A 55 -20.78 -6.23 22.43
N GLY A 56 -20.64 -5.06 23.05
CA GLY A 56 -21.77 -4.47 23.82
C GLY A 56 -22.98 -4.30 22.93
N GLY A 57 -22.78 -3.79 21.72
CA GLY A 57 -23.87 -3.66 20.76
C GLY A 57 -24.48 -5.00 20.40
N LEU A 58 -23.65 -6.03 20.24
CA LEU A 58 -24.07 -7.39 19.92
C LEU A 58 -24.78 -8.01 21.11
N LEU A 59 -24.27 -7.82 22.32
CA LEU A 59 -24.98 -8.31 23.53
C LEU A 59 -26.35 -7.64 23.58
N GLY A 60 -26.40 -6.33 23.40
CA GLY A 60 -27.63 -5.57 23.49
C GLY A 60 -28.77 -6.17 22.68
N GLU A 61 -28.51 -6.51 21.40
CA GLU A 61 -29.53 -6.99 20.48
C GLU A 61 -29.85 -8.46 20.70
N LYS A 62 -28.90 -9.22 21.28
CA LYS A 62 -29.11 -10.67 21.48
C LYS A 62 -29.54 -10.98 22.92
N THR A 63 -29.52 -9.97 23.80
CA THR A 63 -29.92 -10.16 25.23
C THR A 63 -31.05 -9.18 25.55
N ARG A 64 -31.64 -8.58 24.52
CA ARG A 64 -32.71 -7.59 24.68
C ARG A 64 -32.33 -6.50 25.67
N ASN A 65 -31.11 -5.96 25.54
CA ASN A 65 -30.63 -4.82 26.38
C ASN A 65 -30.53 -5.18 27.86
N GLN A 66 -30.64 -6.46 28.23
CA GLN A 66 -30.40 -6.81 29.65
C GLN A 66 -28.97 -6.36 29.96
N MET A 67 -28.04 -6.62 29.04
CA MET A 67 -26.65 -6.15 29.21
C MET A 67 -26.21 -5.51 27.88
N GLY A 68 -25.89 -4.21 27.90
CA GLY A 68 -25.55 -3.51 26.63
C GLY A 68 -24.16 -2.91 26.63
N VAL A 69 -23.97 -1.85 25.85
CA VAL A 69 -22.62 -1.21 25.72
C VAL A 69 -22.23 -0.57 27.05
N SER A 70 -23.14 0.15 27.71
CA SER A 70 -22.80 0.87 28.96
C SER A 70 -22.24 -0.09 30.01
N GLU A 71 -22.92 -1.23 30.21
CA GLU A 71 -22.47 -2.24 31.22
C GLU A 71 -21.06 -2.71 30.87
N LEU A 72 -20.83 -3.07 29.59
CA LEU A 72 -19.50 -3.58 29.16
C LEU A 72 -18.43 -2.50 29.37
N LEU A 73 -18.72 -1.25 28.96
CA LEU A 73 -17.72 -0.16 29.09
C LEU A 73 -17.33 0.01 30.55
N ILE A 74 -18.32 0.08 31.45
CA ILE A 74 -18.05 0.27 32.91
C ILE A 74 -17.27 -0.95 33.44
N SER A 75 -17.65 -2.17 33.02
CA SER A 75 -16.94 -3.40 33.46
C SER A 75 -15.47 -3.33 33.02
N THR A 76 -15.22 -3.03 31.73
CA THR A 76 -13.84 -2.98 31.19
C THR A 76 -13.04 -1.88 31.90
N ALA A 77 -13.74 -0.84 32.38
CA ALA A 77 -13.09 0.28 33.04
C ALA A 77 -12.69 -0.09 34.45
N VAL A 78 -13.64 -0.61 35.24
CA VAL A 78 -13.43 -0.91 36.64
C VAL A 78 -12.44 -2.09 36.80
N GLN A 79 -12.68 -3.19 36.08
CA GLN A 79 -11.79 -4.35 36.11
C GLN A 79 -10.41 -4.06 35.50
N GLY A 80 -10.38 -3.16 34.52
CA GLY A 80 -9.13 -2.71 33.93
C GLY A 80 -8.26 -1.88 34.88
N ILE A 81 -8.89 -1.03 35.70
CA ILE A 81 -8.22 -0.21 36.69
C ILE A 81 -7.66 -1.08 37.80
N LEU A 82 -8.51 -1.96 38.36
CA LEU A 82 -8.14 -2.82 39.47
C LEU A 82 -7.00 -3.74 39.07
N PHE A 83 -7.11 -4.38 37.91
CA PHE A 83 -6.13 -5.35 37.43
C PHE A 83 -4.78 -4.68 37.16
N ALA A 84 -4.80 -3.44 36.66
CA ALA A 84 -3.59 -2.65 36.44
C ALA A 84 -2.93 -2.31 37.78
N LEU A 85 -3.74 -2.03 38.81
CA LEU A 85 -3.26 -1.60 40.12
C LEU A 85 -2.86 -2.79 41.00
N LEU A 86 -3.44 -3.99 40.79
CA LEU A 86 -3.25 -5.14 41.68
C LEU A 86 -2.68 -6.36 40.99
N GLY A 87 -2.60 -6.38 39.66
CA GLY A 87 -2.25 -7.59 38.91
C GLY A 87 -0.75 -7.89 38.97
N ALA A 88 -0.39 -9.05 38.39
CA ALA A 88 1.00 -9.53 38.30
C ALA A 88 1.59 -9.13 36.94
N GLN A 89 0.82 -9.25 35.86
CA GLN A 89 1.21 -8.84 34.51
C GLN A 89 0.27 -7.73 34.05
N PRO A 90 0.60 -6.44 34.28
CA PRO A 90 -0.23 -5.33 33.85
C PRO A 90 -0.44 -5.16 32.35
N LEU A 91 0.48 -5.70 31.54
CA LEU A 91 0.41 -5.63 30.09
C LEU A 91 -0.78 -6.43 29.50
N LEU A 92 -1.35 -7.37 30.26
CA LEU A 92 -2.56 -8.07 29.87
C LEU A 92 -3.73 -7.08 29.87
N VAL A 93 -4.37 -6.91 28.69
CA VAL A 93 -5.59 -6.12 28.55
C VAL A 93 -6.79 -7.02 28.83
N VAL A 94 -7.50 -6.75 29.95
CA VAL A 94 -8.71 -7.45 30.36
C VAL A 94 -9.91 -6.79 29.68
N GLY A 95 -10.63 -7.56 28.85
CA GLY A 95 -11.83 -7.12 28.18
C GLY A 95 -12.72 -8.29 27.74
N PHE A 96 -13.80 -7.94 27.03
CA PHE A 96 -14.76 -8.95 26.55
C PHE A 96 -14.23 -9.61 25.28
N SER A 97 -14.53 -10.89 25.11
CA SER A 97 -14.05 -11.69 23.97
C SER A 97 -15.21 -12.34 23.25
N GLY A 98 -14.94 -12.96 22.11
CA GLY A 98 -15.95 -13.62 21.30
C GLY A 98 -16.51 -14.88 21.97
N PRO A 99 -15.69 -15.79 22.52
CA PRO A 99 -16.20 -16.97 23.21
C PRO A 99 -17.12 -16.64 24.39
N LEU A 100 -16.92 -15.50 25.06
CA LEU A 100 -17.76 -15.04 26.13
C LEU A 100 -19.11 -14.57 25.59
N LEU A 101 -19.10 -13.87 24.45
CA LEU A 101 -20.36 -13.42 23.81
C LEU A 101 -21.18 -14.65 23.43
N VAL A 102 -20.54 -15.67 22.86
CA VAL A 102 -21.25 -16.91 22.45
C VAL A 102 -21.92 -17.55 23.67
N PHE A 103 -21.21 -17.61 24.80
CA PHE A 103 -21.81 -18.16 26.04
C PHE A 103 -23.07 -17.34 26.40
N GLU A 104 -22.97 -16.02 26.40
CA GLU A 104 -24.13 -15.17 26.82
C GLU A 104 -25.32 -15.45 25.89
N GLU A 105 -25.08 -15.59 24.58
CA GLU A 105 -26.18 -15.93 23.64
C GLU A 105 -26.81 -17.26 24.05
N ALA A 106 -26.00 -18.30 24.24
CA ALA A 106 -26.51 -19.64 24.62
C ALA A 106 -27.19 -19.57 25.98
N PHE A 107 -26.60 -18.86 26.94
CA PHE A 107 -27.17 -18.76 28.31
C PHE A 107 -28.52 -18.04 28.23
N PHE A 108 -28.60 -16.96 27.45
CA PHE A 108 -29.87 -16.21 27.29
C PHE A 108 -30.92 -17.13 26.65
N SER A 109 -30.56 -17.82 25.56
CA SER A 109 -31.51 -18.73 24.87
C SER A 109 -31.94 -19.83 25.84
N PHE A 110 -31.00 -20.36 26.65
CA PHE A 110 -31.35 -21.38 27.62
C PHE A 110 -32.39 -20.86 28.61
N CYS A 111 -32.14 -19.66 29.14
CA CYS A 111 -33.00 -19.00 30.12
C CYS A 111 -34.36 -18.63 29.53
N GLU A 112 -34.39 -18.24 28.25
CA GLU A 112 -35.62 -17.91 27.54
C GLU A 112 -36.48 -19.15 27.33
N THR A 113 -35.84 -20.27 26.98
CA THR A 113 -36.51 -21.54 26.72
C THR A 113 -37.17 -22.06 27.99
N ASN A 114 -36.36 -22.18 29.07
CA ASN A 114 -36.81 -22.69 30.36
C ASN A 114 -37.69 -21.68 31.10
N GLY A 115 -37.48 -20.39 30.81
CA GLY A 115 -38.32 -19.32 31.34
C GLY A 115 -37.81 -18.81 32.69
N LEU A 116 -36.51 -18.48 32.72
CA LEU A 116 -35.78 -18.01 33.89
C LEU A 116 -35.21 -16.63 33.60
N GLU A 117 -34.90 -15.88 34.66
CA GLU A 117 -34.29 -14.56 34.53
C GLU A 117 -32.81 -14.71 34.23
N TYR A 118 -32.38 -14.24 33.04
CA TYR A 118 -31.01 -14.34 32.53
C TYR A 118 -30.02 -13.67 33.47
N ILE A 119 -30.24 -12.38 33.79
CA ILE A 119 -29.30 -11.56 34.52
C ILE A 119 -29.11 -12.09 35.94
N VAL A 120 -30.16 -12.66 36.54
CA VAL A 120 -30.11 -13.28 37.86
C VAL A 120 -29.34 -14.60 37.79
N GLY A 121 -29.48 -15.30 36.67
CA GLY A 121 -28.75 -16.53 36.39
C GLY A 121 -27.24 -16.32 36.40
N ARG A 122 -26.77 -15.26 35.74
CA ARG A 122 -25.37 -14.90 35.71
C ARG A 122 -24.76 -14.62 37.11
N VAL A 123 -25.54 -14.00 38.01
CA VAL A 123 -25.12 -13.73 39.38
C VAL A 123 -24.63 -15.01 40.06
N TRP A 124 -25.34 -16.13 39.83
CA TRP A 124 -25.01 -17.43 40.36
C TRP A 124 -23.81 -18.03 39.63
N ILE A 125 -23.74 -17.88 38.30
CA ILE A 125 -22.57 -18.26 37.53
C ILE A 125 -21.36 -17.56 38.12
N GLY A 126 -21.50 -16.28 38.47
CA GLY A 126 -20.46 -15.44 39.05
C GLY A 126 -20.02 -15.92 40.42
N PHE A 127 -20.97 -16.39 41.24
CA PHE A 127 -20.68 -16.92 42.57
C PHE A 127 -19.91 -18.24 42.48
N TRP A 128 -20.29 -19.11 41.53
CA TRP A 128 -19.63 -20.39 41.29
C TRP A 128 -18.24 -20.19 40.66
N LEU A 129 -18.05 -19.12 39.89
CA LEU A 129 -16.74 -18.77 39.33
C LEU A 129 -15.80 -18.28 40.44
N ILE A 130 -16.32 -17.59 41.48
CA ILE A 130 -15.54 -17.17 42.63
C ILE A 130 -15.17 -18.37 43.49
N LEU A 131 -16.08 -19.34 43.61
CA LEU A 131 -15.84 -20.56 44.36
C LEU A 131 -14.77 -21.41 43.66
N LEU A 132 -14.85 -21.54 42.33
CA LEU A 132 -13.97 -22.38 41.55
C LEU A 132 -12.56 -21.78 41.51
N VAL A 133 -12.42 -20.49 41.23
CA VAL A 133 -11.12 -19.85 41.07
C VAL A 133 -10.36 -19.84 42.42
N VAL A 134 -11.05 -19.61 43.56
CA VAL A 134 -10.46 -19.70 44.87
C VAL A 134 -9.99 -21.14 45.18
N LEU A 135 -10.81 -22.14 44.82
CA LEU A 135 -10.50 -23.55 44.95
C LEU A 135 -9.34 -23.96 44.04
N VAL A 136 -9.24 -23.36 42.85
CA VAL A 136 -8.19 -23.63 41.86
C VAL A 136 -6.89 -22.99 42.31
N VAL A 137 -6.94 -21.71 42.70
CA VAL A 137 -5.77 -20.96 43.11
C VAL A 137 -5.23 -21.54 44.41
N ALA A 138 -6.11 -22.07 45.29
CA ALA A 138 -5.75 -22.74 46.52
C ALA A 138 -4.74 -23.85 46.26
N PHE A 139 -5.04 -24.73 45.29
CA PHE A 139 -4.24 -25.91 44.98
C PHE A 139 -3.27 -25.66 43.81
N GLU A 140 -3.14 -24.41 43.39
CA GLU A 140 -2.16 -23.93 42.43
C GLU A 140 -2.37 -24.59 41.08
N GLY A 141 -3.62 -24.55 40.58
CA GLY A 141 -4.01 -25.32 39.41
C GLY A 141 -3.40 -24.79 38.10
N SER A 142 -2.81 -23.59 38.15
CA SER A 142 -2.12 -23.00 37.02
C SER A 142 -0.81 -23.71 36.70
N PHE A 143 -0.43 -24.76 37.46
CA PHE A 143 0.71 -25.62 37.15
C PHE A 143 0.46 -26.40 35.85
N LEU A 144 -0.80 -26.67 35.50
CA LEU A 144 -1.19 -27.37 34.28
C LEU A 144 -0.94 -26.52 33.03
N VAL A 145 -0.63 -25.24 33.20
CA VAL A 145 -0.32 -24.33 32.09
C VAL A 145 1.04 -24.72 31.51
N ARG A 146 1.91 -25.38 32.30
CA ARG A 146 3.19 -25.93 31.84
C ARG A 146 2.98 -26.88 30.66
N PHE A 147 1.93 -27.71 30.73
CA PHE A 147 1.68 -28.70 29.72
C PHE A 147 1.38 -28.05 28.37
N ILE A 148 0.73 -26.89 28.36
CA ILE A 148 0.46 -26.14 27.13
C ILE A 148 1.79 -25.61 26.58
N SER A 149 2.26 -26.22 25.48
CA SER A 149 3.55 -25.88 24.87
C SER A 149 3.33 -24.85 23.78
N ARG A 150 4.41 -24.45 23.10
CA ARG A 150 4.30 -23.47 21.99
C ARG A 150 3.31 -24.03 20.97
N TYR A 151 3.32 -25.33 20.73
CA TYR A 151 2.41 -25.99 19.80
C TYR A 151 0.99 -25.46 19.96
N THR A 152 0.49 -25.53 21.20
CA THR A 152 -0.89 -25.15 21.50
C THR A 152 -0.99 -23.63 21.63
N GLN A 153 0.03 -22.97 22.16
CA GLN A 153 0.08 -21.51 22.31
C GLN A 153 0.00 -20.84 20.95
N GLU A 154 0.77 -21.36 19.98
CA GLU A 154 0.88 -20.77 18.65
C GLU A 154 -0.37 -21.06 17.82
N ILE A 155 -0.86 -22.32 17.87
CA ILE A 155 -2.12 -22.71 17.24
C ILE A 155 -3.25 -21.77 17.68
N PHE A 156 -3.28 -21.47 19.00
CA PHE A 156 -4.21 -20.53 19.60
C PHE A 156 -3.94 -19.11 19.08
N SER A 157 -2.72 -18.62 19.31
CA SER A 157 -2.31 -17.26 18.96
C SER A 157 -2.55 -16.96 17.50
N PHE A 158 -2.35 -17.94 16.62
CA PHE A 158 -2.58 -17.81 15.18
C PHE A 158 -4.07 -17.75 14.86
N LEU A 159 -4.83 -18.71 15.39
CA LEU A 159 -6.29 -18.76 15.21
C LEU A 159 -6.97 -17.46 15.64
N ILE A 160 -6.59 -16.93 16.82
CA ILE A 160 -7.23 -15.69 17.34
C ILE A 160 -6.97 -14.55 16.36
N SER A 161 -5.73 -14.41 15.88
CA SER A 161 -5.38 -13.31 14.94
C SER A 161 -6.13 -13.48 13.62
N LEU A 162 -6.20 -14.72 13.08
CA LEU A 162 -6.99 -14.96 11.84
C LEU A 162 -8.41 -14.44 12.05
N ILE A 163 -9.07 -14.85 13.13
CA ILE A 163 -10.41 -14.40 13.48
C ILE A 163 -10.46 -12.87 13.44
N PHE A 164 -9.52 -12.23 14.14
CA PHE A 164 -9.43 -10.78 14.22
C PHE A 164 -9.34 -10.13 12.83
N ILE A 165 -8.58 -10.76 11.91
CA ILE A 165 -8.42 -10.31 10.53
C ILE A 165 -9.71 -10.61 9.74
N TYR A 166 -10.24 -11.83 9.91
CA TYR A 166 -11.43 -12.29 9.22
C TYR A 166 -12.62 -11.38 9.52
N GLU A 167 -12.86 -11.12 10.82
CA GLU A 167 -13.98 -10.33 11.29
C GLU A 167 -13.93 -8.92 10.74
N THR A 168 -12.73 -8.31 10.75
CA THR A 168 -12.48 -6.98 10.20
C THR A 168 -12.99 -6.84 8.77
N PHE A 169 -12.66 -7.82 7.91
CA PHE A 169 -13.08 -7.84 6.52
C PHE A 169 -14.57 -8.14 6.39
N SER A 170 -15.13 -8.91 7.34
CA SER A 170 -16.56 -9.21 7.40
C SER A 170 -17.38 -7.95 7.67
N LYS A 171 -16.78 -6.93 8.33
CA LYS A 171 -17.44 -5.66 8.61
C LYS A 171 -17.42 -4.76 7.38
N LEU A 172 -16.27 -4.74 6.68
CA LEU A 172 -16.13 -4.04 5.41
C LEU A 172 -17.13 -4.58 4.39
N ILE A 173 -17.22 -5.91 4.26
CA ILE A 173 -18.16 -6.57 3.36
C ILE A 173 -19.60 -6.21 3.73
N LYS A 174 -19.90 -6.15 5.03
CA LYS A 174 -21.22 -5.80 5.54
C LYS A 174 -21.60 -4.38 5.11
N ILE A 175 -20.65 -3.43 5.24
CA ILE A 175 -20.81 -2.05 4.80
C ILE A 175 -21.15 -2.00 3.31
N PHE A 176 -20.45 -2.77 2.49
CA PHE A 176 -20.66 -2.87 1.05
C PHE A 176 -22.03 -3.48 0.71
N GLN A 177 -22.46 -4.47 1.53
CA GLN A 177 -23.76 -5.11 1.38
C GLN A 177 -24.88 -4.15 1.80
N ASP A 178 -24.63 -3.34 2.86
CA ASP A 178 -25.58 -2.36 3.37
C ASP A 178 -25.73 -1.20 2.39
N HIS A 179 -24.61 -0.68 1.89
CA HIS A 179 -24.55 0.45 0.97
C HIS A 179 -23.94 0.03 -0.36
N PRO A 180 -24.65 -0.75 -1.18
CA PRO A 180 -24.12 -1.23 -2.45
C PRO A 180 -23.85 -0.12 -3.43
N LEU A 181 -22.93 -0.40 -4.38
CA LEU A 181 -22.61 0.49 -5.46
C LEU A 181 -23.67 0.32 -6.55
N GLN A 182 -24.73 1.15 -6.46
CA GLN A 182 -25.84 1.16 -7.39
C GLN A 182 -25.65 2.26 -8.43
N LYS A 183 -26.58 2.31 -9.39
CA LYS A 183 -26.62 3.33 -10.44
C LYS A 183 -27.35 4.56 -9.93
N THR A 184 -28.47 4.34 -9.22
CA THR A 184 -29.31 5.37 -8.61
C THR A 184 -29.55 5.03 -7.13
N TYR A 185 -29.76 6.07 -6.31
CA TYR A 185 -30.03 5.98 -4.88
C TYR A 185 -31.27 6.82 -4.53
N ASN A 186 -31.87 6.54 -3.36
CA ASN A 186 -32.98 7.31 -2.81
C ASN A 186 -32.44 8.20 -1.69
N TYR A 187 -32.73 9.52 -1.78
CA TYR A 187 -32.20 10.54 -0.88
C TYR A 187 -33.20 10.91 0.23
N ASN A 188 -34.50 10.66 -0.03
CA ASN A 188 -35.54 10.77 0.98
C ASN A 188 -35.49 9.53 1.89
N VAL A 189 -34.46 9.50 2.77
CA VAL A 189 -34.18 8.40 3.67
C VAL A 189 -33.72 8.96 5.02
N LEU A 190 -34.19 8.32 6.11
CA LEU A 190 -33.88 8.73 7.48
C LEU A 190 -32.54 8.12 7.89
N MET A 191 -31.75 8.87 8.68
CA MET A 191 -30.46 8.44 9.21
C MET A 191 -30.34 8.78 10.70
N VAL A 192 -31.45 8.68 11.45
CA VAL A 192 -31.52 9.08 12.85
C VAL A 192 -31.14 7.89 13.73
N PRO A 193 -31.67 6.66 13.50
CA PRO A 193 -31.10 5.47 14.11
C PRO A 193 -29.86 5.06 13.32
N LYS A 194 -30.07 4.78 12.02
CA LYS A 194 -29.02 4.52 11.05
C LYS A 194 -29.63 4.64 9.65
N PRO A 195 -28.85 4.68 8.53
CA PRO A 195 -29.43 4.77 7.20
C PRO A 195 -30.35 3.59 6.86
N GLN A 196 -31.61 3.91 6.52
CA GLN A 196 -32.65 2.93 6.22
C GLN A 196 -32.38 2.28 4.87
N GLY A 197 -31.98 3.10 3.87
CA GLY A 197 -31.66 2.63 2.53
C GLY A 197 -30.15 2.58 2.25
N PRO A 198 -29.74 2.27 1.00
CA PRO A 198 -28.36 2.48 0.53
C PRO A 198 -28.05 3.96 0.34
N LEU A 199 -26.74 4.29 0.52
CA LEU A 199 -26.22 5.65 0.41
C LEU A 199 -25.03 5.65 -0.56
N PRO A 200 -24.85 6.71 -1.38
CA PRO A 200 -23.70 6.78 -2.30
C PRO A 200 -22.43 7.18 -1.58
N ASN A 201 -21.29 6.64 -2.09
CA ASN A 201 -19.93 7.02 -1.69
C ASN A 201 -19.59 6.56 -0.27
N THR A 202 -20.41 5.67 0.33
CA THR A 202 -20.29 5.30 1.75
C THR A 202 -19.36 4.10 1.89
N ALA A 203 -19.60 3.07 1.05
CA ALA A 203 -18.88 1.82 1.05
C ALA A 203 -17.46 2.00 0.53
N LEU A 204 -17.29 2.85 -0.49
CA LEU A 204 -15.97 3.05 -1.10
C LEU A 204 -15.09 3.92 -0.20
N LEU A 205 -15.69 4.95 0.40
CA LEU A 205 -14.99 5.81 1.36
C LEU A 205 -14.56 5.04 2.59
N SER A 206 -15.41 4.10 3.04
CA SER A 206 -15.14 3.19 4.14
C SER A 206 -13.95 2.28 3.83
N LEU A 207 -13.85 1.82 2.58
CA LEU A 207 -12.71 1.04 2.10
C LEU A 207 -11.46 1.90 2.02
N VAL A 208 -11.59 3.15 1.55
CA VAL A 208 -10.51 4.11 1.41
C VAL A 208 -9.97 4.47 2.79
N LEU A 209 -10.86 4.64 3.78
CA LEU A 209 -10.47 4.98 5.15
C LEU A 209 -9.79 3.81 5.83
N MET A 210 -10.26 2.58 5.58
CA MET A 210 -9.73 1.37 6.16
C MET A 210 -8.36 1.04 5.57
N ALA A 211 -8.27 1.07 4.24
CA ALA A 211 -7.05 0.78 3.49
C ALA A 211 -5.98 1.83 3.81
N GLY A 212 -6.38 3.10 3.89
CA GLY A 212 -5.50 4.21 4.18
C GLY A 212 -4.90 4.16 5.59
N THR A 213 -5.71 3.82 6.60
CA THR A 213 -5.29 3.71 7.99
C THR A 213 -4.33 2.55 8.19
N PHE A 214 -4.59 1.40 7.54
CA PHE A 214 -3.71 0.24 7.57
C PHE A 214 -2.40 0.49 6.83
N PHE A 215 -2.46 1.29 5.75
CA PHE A 215 -1.30 1.70 4.97
C PHE A 215 -0.40 2.61 5.80
N PHE A 216 -0.94 3.73 6.31
CA PHE A 216 -0.19 4.71 7.08
C PHE A 216 0.45 4.09 8.32
N ALA A 217 -0.28 3.21 9.01
CA ALA A 217 0.19 2.52 10.20
C ALA A 217 1.37 1.60 9.89
N MET A 218 1.29 0.87 8.77
CA MET A 218 2.32 -0.06 8.35
C MET A 218 3.57 0.66 7.82
N MET A 219 3.38 1.76 7.08
CA MET A 219 4.47 2.56 6.54
C MET A 219 5.22 3.32 7.64
N LEU A 220 4.52 3.70 8.71
CA LEU A 220 5.13 4.33 9.87
C LEU A 220 5.83 3.32 10.77
N ARG A 221 5.43 2.04 10.72
CA ARG A 221 6.14 0.93 11.35
C ARG A 221 7.40 0.60 10.57
N LYS A 222 7.32 0.67 9.23
CA LYS A 222 8.46 0.52 8.32
C LYS A 222 9.44 1.68 8.51
N PHE A 223 8.90 2.89 8.77
CA PHE A 223 9.67 4.10 9.01
C PHE A 223 10.42 4.04 10.34
N LYS A 224 9.82 3.41 11.37
CA LYS A 224 10.35 3.34 12.72
C LYS A 224 11.75 2.70 12.68
N ASN A 225 11.89 1.57 11.96
CA ASN A 225 13.14 0.83 11.84
C ASN A 225 13.83 1.08 10.49
N SER A 226 13.69 2.31 9.96
CA SER A 226 14.36 2.80 8.77
C SER A 226 15.61 3.56 9.17
N SER A 227 16.28 4.23 8.20
CA SER A 227 17.48 5.02 8.40
C SER A 227 17.29 6.45 7.87
N TYR A 228 16.08 7.01 8.11
CA TYR A 228 15.68 8.34 7.68
C TYR A 228 15.39 9.20 8.92
N PHE A 229 15.74 10.50 8.84
CA PHE A 229 15.57 11.49 9.90
C PHE A 229 16.50 11.17 11.08
N PRO A 230 16.75 12.13 12.00
CA PRO A 230 17.51 11.83 13.22
C PRO A 230 16.85 10.76 14.08
N GLY A 231 17.67 10.02 14.85
CA GLY A 231 17.23 8.85 15.60
C GLY A 231 16.11 9.12 16.60
N LYS A 232 16.12 10.32 17.20
CA LYS A 232 15.11 10.76 18.15
C LYS A 232 13.76 10.89 17.45
N LEU A 233 13.72 11.68 16.37
CA LEU A 233 12.51 12.01 15.63
C LEU A 233 11.92 10.77 14.93
N ARG A 234 12.77 9.87 14.46
CA ARG A 234 12.35 8.65 13.78
C ARG A 234 11.62 7.72 14.75
N ARG A 235 12.12 7.61 15.99
CA ARG A 235 11.52 6.78 17.04
C ARG A 235 10.21 7.40 17.52
N VAL A 236 10.20 8.70 17.81
CA VAL A 236 9.02 9.41 18.31
C VAL A 236 7.85 9.29 17.33
N ILE A 237 8.09 9.53 16.03
CA ILE A 237 7.10 9.36 14.97
C ILE A 237 6.72 7.89 14.81
N GLY A 238 7.71 6.99 14.95
CA GLY A 238 7.51 5.55 14.85
C GLY A 238 6.68 4.98 16.01
N ASP A 239 6.95 5.45 17.25
CA ASP A 239 6.23 5.05 18.46
C ASP A 239 4.78 5.50 18.38
N PHE A 240 4.55 6.73 17.94
CA PHE A 240 3.21 7.26 17.67
C PHE A 240 2.80 6.97 16.22
N GLY A 241 2.92 5.71 15.80
CA GLY A 241 2.64 5.31 14.43
C GLY A 241 1.15 5.20 14.17
N VAL A 242 0.44 4.50 15.05
CA VAL A 242 -1.01 4.34 14.99
C VAL A 242 -1.74 5.66 15.31
N PRO A 243 -1.49 6.34 16.44
CA PRO A 243 -2.18 7.59 16.74
C PRO A 243 -2.11 8.65 15.65
N ILE A 244 -0.98 8.72 14.93
CA ILE A 244 -0.80 9.60 13.77
C ILE A 244 -1.68 9.10 12.63
N SER A 245 -1.70 7.78 12.38
CA SER A 245 -2.50 7.15 11.35
C SER A 245 -4.01 7.35 11.59
N ILE A 246 -4.42 7.36 12.87
CA ILE A 246 -5.81 7.60 13.25
C ILE A 246 -6.14 9.07 13.03
N LEU A 247 -5.36 9.99 13.60
CA LEU A 247 -5.59 11.43 13.53
C LEU A 247 -5.72 11.89 12.07
N ILE A 248 -4.79 11.46 11.20
CA ILE A 248 -4.77 11.80 9.79
C ILE A 248 -6.11 11.42 9.15
N MET A 249 -6.45 10.13 9.21
CA MET A 249 -7.57 9.55 8.48
C MET A 249 -8.91 9.94 9.10
N VAL A 250 -8.93 10.36 10.37
CA VAL A 250 -10.09 10.96 11.02
C VAL A 250 -10.29 12.37 10.46
N LEU A 251 -9.21 13.14 10.31
CA LEU A 251 -9.25 14.49 9.76
C LEU A 251 -9.59 14.49 8.26
N VAL A 252 -9.21 13.41 7.54
CA VAL A 252 -9.60 13.18 6.15
C VAL A 252 -11.11 13.10 6.05
N ASP A 253 -11.75 12.35 6.96
CA ASP A 253 -13.19 12.15 6.97
C ASP A 253 -13.93 13.38 7.46
N PHE A 254 -13.26 14.18 8.32
CA PHE A 254 -13.83 15.41 8.86
C PHE A 254 -14.11 16.41 7.74
N PHE A 255 -13.17 16.51 6.78
CA PHE A 255 -13.27 17.43 5.65
C PHE A 255 -14.27 16.94 4.60
N ILE A 256 -14.45 15.62 4.48
CA ILE A 256 -15.47 15.01 3.65
C ILE A 256 -16.79 15.00 4.42
N GLN A 257 -17.53 16.12 4.34
CA GLN A 257 -18.65 16.40 5.24
C GLN A 257 -19.99 15.94 4.64
N ASP A 258 -20.14 16.00 3.32
CA ASP A 258 -21.42 15.69 2.67
C ASP A 258 -21.70 14.18 2.75
N THR A 259 -20.67 13.38 2.50
CA THR A 259 -20.72 11.92 2.53
C THR A 259 -20.89 11.42 3.97
N TYR A 260 -21.57 10.27 4.10
CA TYR A 260 -21.81 9.58 5.36
C TYR A 260 -20.82 8.45 5.57
N THR A 261 -20.33 8.32 6.82
CA THR A 261 -19.51 7.20 7.30
C THR A 261 -19.97 6.88 8.71
N GLN A 262 -20.02 5.57 9.03
CA GLN A 262 -20.50 5.09 10.33
C GLN A 262 -19.45 5.41 11.40
N LYS A 263 -19.88 6.14 12.47
CA LYS A 263 -19.00 6.63 13.53
C LYS A 263 -19.13 5.73 14.76
N LEU A 264 -18.27 5.96 15.77
CA LEU A 264 -18.36 5.32 17.08
C LEU A 264 -19.50 5.95 17.89
N SER A 265 -20.59 5.20 18.06
CA SER A 265 -21.72 5.58 18.91
C SER A 265 -21.54 4.97 20.30
N VAL A 266 -21.61 5.83 21.35
CA VAL A 266 -21.59 5.39 22.74
C VAL A 266 -22.89 5.83 23.43
N PRO A 267 -23.28 5.22 24.58
CA PRO A 267 -24.44 5.70 25.34
C PRO A 267 -24.30 7.15 25.80
N ASP A 268 -25.46 7.79 26.04
CA ASP A 268 -25.54 9.21 26.36
C ASP A 268 -24.98 9.46 27.77
N GLY A 269 -25.27 8.54 28.71
CA GLY A 269 -24.82 8.66 30.09
C GLY A 269 -24.50 7.30 30.71
N PHE A 270 -24.17 7.33 32.02
CA PHE A 270 -23.84 6.14 32.79
C PHE A 270 -25.10 5.54 33.42
N LYS A 271 -25.91 4.92 32.55
CA LYS A 271 -27.17 4.28 32.89
C LYS A 271 -27.23 2.95 32.15
N VAL A 272 -27.88 1.93 32.76
CA VAL A 272 -28.12 0.64 32.13
C VAL A 272 -28.99 0.83 30.89
N SER A 273 -28.81 -0.04 29.88
CA SER A 273 -29.43 0.06 28.57
C SER A 273 -30.95 -0.12 28.67
N ASN A 274 -31.37 -1.15 29.45
CA ASN A 274 -32.78 -1.38 29.76
C ASN A 274 -33.00 -1.18 31.26
N SER A 275 -33.55 -0.01 31.65
CA SER A 275 -33.77 0.36 33.03
C SER A 275 -34.99 -0.36 33.61
N SER A 276 -36.02 -0.57 32.77
CA SER A 276 -37.25 -1.27 33.14
C SER A 276 -36.99 -2.75 33.48
N ALA A 277 -35.99 -3.36 32.81
CA ALA A 277 -35.62 -4.76 32.99
C ALA A 277 -34.94 -4.98 34.33
N ARG A 278 -33.75 -4.37 34.49
CA ARG A 278 -32.90 -4.53 35.67
C ARG A 278 -32.32 -3.18 36.10
N GLY A 279 -31.97 -3.09 37.39
CA GLY A 279 -31.26 -1.95 37.96
C GLY A 279 -29.75 -2.20 37.94
N TRP A 280 -28.99 -1.36 38.67
CA TRP A 280 -27.53 -1.44 38.70
C TRP A 280 -27.05 -2.62 39.55
N VAL A 281 -27.77 -2.93 40.65
CA VAL A 281 -27.53 -4.08 41.51
C VAL A 281 -28.57 -5.17 41.23
N ILE A 282 -28.12 -6.36 40.79
CA ILE A 282 -28.95 -7.52 40.54
C ILE A 282 -29.12 -8.31 41.83
N HIS A 283 -30.36 -8.72 42.13
CA HIS A 283 -30.70 -9.49 43.32
C HIS A 283 -30.50 -10.97 43.07
N PRO A 284 -29.76 -11.70 43.94
CA PRO A 284 -29.61 -13.16 43.79
C PRO A 284 -30.92 -13.93 43.75
N LEU A 285 -31.84 -13.65 44.66
CA LEU A 285 -33.05 -14.44 44.87
C LEU A 285 -34.10 -14.17 43.79
N GLY A 286 -34.01 -13.02 43.08
CA GLY A 286 -34.82 -12.74 41.88
C GLY A 286 -35.20 -11.26 41.79
N LEU A 287 -35.59 -10.82 40.59
CA LEU A 287 -36.00 -9.45 40.33
C LEU A 287 -37.52 -9.33 40.40
N ARG A 288 -38.22 -10.03 39.50
CA ARG A 288 -39.68 -10.04 39.41
C ARG A 288 -40.22 -11.37 39.94
N SER A 289 -39.84 -12.48 39.27
CA SER A 289 -40.22 -13.84 39.67
C SER A 289 -39.18 -14.42 40.64
N GLU A 290 -39.63 -15.33 41.52
CA GLU A 290 -38.79 -15.98 42.50
C GLU A 290 -37.88 -16.99 41.81
N PHE A 291 -36.55 -16.75 41.87
CA PHE A 291 -35.55 -17.49 41.10
C PHE A 291 -35.44 -18.91 41.65
N PRO A 292 -35.41 -19.95 40.79
CA PRO A 292 -35.43 -21.32 41.27
C PRO A 292 -34.14 -21.71 41.99
N ILE A 293 -34.25 -22.66 42.94
CA ILE A 293 -33.11 -23.12 43.73
C ILE A 293 -32.40 -24.27 43.02
N TRP A 294 -33.08 -24.92 42.05
CA TRP A 294 -32.47 -25.94 41.20
C TRP A 294 -31.41 -25.32 40.27
N MET A 295 -31.70 -24.13 39.71
CA MET A 295 -30.77 -23.40 38.86
C MET A 295 -29.67 -22.75 39.70
N MET A 296 -29.97 -22.41 40.96
CA MET A 296 -29.04 -21.81 41.90
C MET A 296 -27.84 -22.72 42.16
N PHE A 297 -28.06 -24.06 42.11
CA PHE A 297 -27.02 -25.07 42.26
C PHE A 297 -26.51 -25.54 40.90
N ALA A 298 -27.40 -25.65 39.90
CA ALA A 298 -27.06 -26.12 38.55
C ALA A 298 -26.26 -25.08 37.76
N SER A 299 -26.20 -23.84 38.27
CA SER A 299 -25.35 -22.75 37.79
C SER A 299 -23.87 -23.13 37.79
N ALA A 300 -23.50 -24.19 38.53
CA ALA A 300 -22.15 -24.75 38.58
C ALA A 300 -21.68 -25.20 37.19
N LEU A 301 -22.56 -25.82 36.41
CA LEU A 301 -22.18 -26.50 35.17
C LEU A 301 -21.82 -25.49 34.09
N PRO A 302 -22.62 -24.43 33.83
CA PRO A 302 -22.18 -23.33 32.97
C PRO A 302 -20.97 -22.56 33.49
N ALA A 303 -20.87 -22.37 34.81
CA ALA A 303 -19.76 -21.67 35.47
C ALA A 303 -18.43 -22.38 35.28
N LEU A 304 -18.45 -23.72 35.23
CA LEU A 304 -17.31 -24.55 34.92
C LEU A 304 -16.84 -24.32 33.48
N LEU A 305 -17.80 -24.15 32.56
CA LEU A 305 -17.53 -23.87 31.16
C LEU A 305 -16.92 -22.49 30.99
N VAL A 306 -17.49 -21.48 31.68
CA VAL A 306 -17.03 -20.10 31.65
C VAL A 306 -15.62 -19.96 32.27
N PHE A 307 -15.36 -20.78 33.31
CA PHE A 307 -14.05 -20.81 33.95
C PHE A 307 -13.01 -21.31 32.97
N ILE A 308 -13.30 -22.44 32.29
CA ILE A 308 -12.43 -23.02 31.28
C ILE A 308 -12.20 -22.05 30.12
N LEU A 309 -13.23 -21.30 29.72
CA LEU A 309 -13.12 -20.27 28.70
C LEU A 309 -12.15 -19.18 29.17
N ILE A 310 -12.37 -18.60 30.37
CA ILE A 310 -11.60 -17.48 30.87
C ILE A 310 -10.17 -17.93 31.23
N PHE A 311 -10.02 -19.13 31.81
CA PHE A 311 -8.73 -19.72 32.14
C PHE A 311 -7.86 -19.84 30.90
N LEU A 312 -8.28 -20.63 29.92
CA LEU A 312 -7.47 -20.92 28.73
C LEU A 312 -7.17 -19.65 27.94
N GLU A 313 -8.18 -18.82 27.68
CA GLU A 313 -8.02 -17.51 27.06
C GLU A 313 -6.94 -16.68 27.74
N SER A 314 -7.03 -16.54 29.08
CA SER A 314 -6.18 -15.65 29.88
C SER A 314 -4.81 -16.25 30.13
N GLN A 315 -4.76 -17.55 30.48
CA GLN A 315 -3.52 -18.21 30.87
C GLN A 315 -2.65 -18.46 29.66
N ILE A 316 -3.22 -18.81 28.51
CA ILE A 316 -2.47 -18.95 27.27
C ILE A 316 -1.99 -17.59 26.75
N THR A 317 -2.79 -16.54 26.95
CA THR A 317 -2.39 -15.18 26.65
C THR A 317 -1.21 -14.71 27.53
N THR A 318 -1.20 -15.13 28.80
CA THR A 318 -0.12 -14.83 29.74
C THR A 318 1.20 -15.48 29.29
N LEU A 319 1.13 -16.74 28.83
CA LEU A 319 2.26 -17.47 28.26
C LEU A 319 2.85 -16.65 27.09
N ILE A 320 1.97 -16.35 26.12
CA ILE A 320 2.34 -15.67 24.88
C ILE A 320 3.02 -14.35 25.22
N VAL A 321 2.47 -13.58 26.17
CA VAL A 321 2.95 -12.26 26.55
C VAL A 321 4.26 -12.36 27.36
N SER A 322 4.33 -13.35 28.27
CA SER A 322 5.49 -13.57 29.11
C SER A 322 6.35 -14.74 28.59
N LYS A 323 6.65 -14.72 27.28
CA LYS A 323 7.55 -15.68 26.65
C LYS A 323 8.99 -15.28 26.98
N PRO A 324 9.96 -16.22 26.95
CA PRO A 324 11.36 -15.86 27.18
C PRO A 324 11.93 -14.91 26.13
N GLU A 325 11.61 -15.15 24.84
CA GLU A 325 12.13 -14.36 23.73
C GLU A 325 11.74 -12.88 23.82
N ARG A 326 10.53 -12.60 24.33
CA ARG A 326 10.11 -11.25 24.69
C ARG A 326 10.81 -10.84 25.99
N LYS A 327 11.59 -9.76 25.97
CA LYS A 327 12.47 -9.40 27.08
C LYS A 327 11.66 -8.75 28.21
N MET A 328 10.97 -9.60 28.99
CA MET A 328 10.15 -9.20 30.12
C MET A 328 10.78 -9.74 31.41
N VAL A 329 11.26 -8.81 32.28
CA VAL A 329 12.14 -9.12 33.39
C VAL A 329 11.44 -8.97 34.75
N LYS A 330 10.31 -8.25 34.79
CA LYS A 330 9.66 -7.85 36.04
C LYS A 330 8.91 -9.06 36.63
N GLY A 331 8.58 -10.07 35.79
CA GLY A 331 8.01 -11.34 36.23
C GLY A 331 6.49 -11.40 36.00
N SER A 332 6.01 -12.58 35.63
CA SER A 332 4.60 -12.84 35.34
C SER A 332 4.04 -13.82 36.36
N GLY A 333 2.84 -13.51 36.87
CA GLY A 333 2.13 -14.36 37.80
C GLY A 333 0.83 -14.89 37.23
N PHE A 334 0.72 -16.23 37.14
CA PHE A 334 -0.40 -16.94 36.52
C PHE A 334 -1.52 -17.23 37.52
N HIS A 335 -1.21 -17.20 38.82
CA HIS A 335 -2.17 -17.46 39.89
C HIS A 335 -2.90 -16.17 40.31
N LEU A 336 -2.18 -15.06 40.48
CA LEU A 336 -2.77 -13.81 40.96
C LEU A 336 -3.62 -13.17 39.87
N ASP A 337 -3.19 -13.27 38.60
CA ASP A 337 -3.94 -12.77 37.45
C ASP A 337 -5.26 -13.55 37.28
N LEU A 338 -5.20 -14.88 37.33
CA LEU A 338 -6.35 -15.76 37.22
C LEU A 338 -7.34 -15.50 38.34
N LEU A 339 -6.83 -15.24 39.54
CA LEU A 339 -7.65 -14.94 40.72
C LEU A 339 -8.39 -13.63 40.57
N LEU A 340 -7.72 -12.60 40.10
CA LEU A 340 -8.32 -11.29 39.88
C LEU A 340 -9.32 -11.32 38.72
N VAL A 341 -8.89 -11.76 37.54
CA VAL A 341 -9.68 -11.74 36.32
C VAL A 341 -11.02 -12.42 36.55
N VAL A 342 -11.02 -13.65 37.12
CA VAL A 342 -12.23 -14.42 37.37
C VAL A 342 -12.95 -13.90 38.62
N GLY A 343 -12.20 -13.62 39.67
CA GLY A 343 -12.78 -13.10 40.90
C GLY A 343 -13.54 -11.81 40.73
N MET A 344 -12.96 -10.83 40.00
CA MET A 344 -13.59 -9.57 39.67
C MET A 344 -14.82 -9.80 38.80
N GLY A 345 -14.66 -10.65 37.78
CA GLY A 345 -15.73 -11.04 36.87
C GLY A 345 -16.92 -11.67 37.60
N GLY A 346 -16.65 -12.44 38.66
CA GLY A 346 -17.68 -13.02 39.49
C GLY A 346 -18.43 -11.98 40.32
N VAL A 347 -17.71 -11.01 40.86
CA VAL A 347 -18.30 -9.89 41.60
C VAL A 347 -18.99 -8.92 40.63
N ALA A 348 -18.46 -8.81 39.40
CA ALA A 348 -19.04 -7.99 38.34
C ALA A 348 -20.41 -8.49 37.89
N ALA A 349 -20.62 -9.81 38.00
CA ALA A 349 -21.89 -10.46 37.70
C ALA A 349 -23.00 -9.96 38.62
N LEU A 350 -22.64 -9.60 39.86
CA LEU A 350 -23.58 -9.15 40.88
C LEU A 350 -24.22 -7.83 40.46
N PHE A 351 -23.46 -6.97 39.77
CA PHE A 351 -23.92 -5.67 39.29
C PHE A 351 -24.38 -5.72 37.84
N GLY A 352 -24.65 -6.92 37.32
CA GLY A 352 -25.06 -7.15 35.94
C GLY A 352 -24.10 -6.61 34.90
N MET A 353 -22.81 -6.67 35.21
CA MET A 353 -21.72 -6.30 34.32
C MET A 353 -21.01 -7.58 33.86
N PRO A 354 -20.52 -7.66 32.59
CA PRO A 354 -19.95 -8.91 32.10
C PRO A 354 -18.53 -9.29 32.55
N TRP A 355 -18.35 -10.53 33.00
CA TRP A 355 -17.04 -11.06 33.33
C TRP A 355 -16.16 -11.01 32.08
N LEU A 356 -14.89 -10.66 32.31
CA LEU A 356 -13.97 -10.50 31.16
C LEU A 356 -12.82 -11.50 31.25
N SER A 357 -11.92 -11.43 30.29
CA SER A 357 -10.73 -12.27 30.22
C SER A 357 -9.58 -11.49 29.61
N ALA A 358 -8.33 -11.90 29.92
CA ALA A 358 -7.13 -11.31 29.33
C ALA A 358 -7.03 -11.70 27.86
N THR A 359 -7.54 -10.80 26.99
CA THR A 359 -7.67 -11.02 25.57
C THR A 359 -6.29 -11.03 24.89
N THR A 360 -6.11 -11.93 23.91
CA THR A 360 -4.82 -12.28 23.35
C THR A 360 -4.25 -11.15 22.51
N VAL A 361 -5.01 -10.66 21.50
CA VAL A 361 -4.54 -9.65 20.58
C VAL A 361 -4.28 -8.34 21.33
N ARG A 362 -5.27 -7.86 22.10
CA ARG A 362 -5.15 -6.63 22.86
C ARG A 362 -4.00 -6.65 23.88
N SER A 363 -3.70 -7.84 24.44
CA SER A 363 -2.58 -8.04 25.34
C SER A 363 -1.28 -8.02 24.58
N VAL A 364 -1.22 -8.75 23.47
CA VAL A 364 -0.06 -8.84 22.59
C VAL A 364 0.24 -7.47 22.04
N THR A 365 -0.80 -6.78 21.55
CA THR A 365 -0.72 -5.45 20.96
C THR A 365 -0.13 -4.44 21.96
N HIS A 366 -0.60 -4.51 23.20
CA HIS A 366 -0.15 -3.65 24.28
C HIS A 366 1.30 -3.94 24.67
N ALA A 367 1.69 -5.21 24.67
CA ALA A 367 3.07 -5.63 24.90
C ALA A 367 3.97 -5.15 23.76
N ASN A 368 3.54 -5.40 22.52
CA ASN A 368 4.25 -5.01 21.31
C ASN A 368 4.43 -3.50 21.23
N ALA A 369 3.44 -2.75 21.72
CA ALA A 369 3.46 -1.29 21.73
C ALA A 369 4.54 -0.75 22.67
N LEU A 370 4.66 -1.37 23.85
CA LEU A 370 5.60 -0.96 24.89
C LEU A 370 6.99 -1.57 24.67
N THR A 371 7.13 -2.55 23.76
CA THR A 371 8.39 -3.16 23.38
C THR A 371 9.21 -2.22 22.50
N VAL A 372 10.45 -1.91 22.92
CA VAL A 372 11.38 -1.05 22.18
C VAL A 372 12.31 -1.93 21.35
N MET A 373 12.74 -1.42 20.19
CA MET A 373 13.60 -2.14 19.25
C MET A 373 15.03 -1.56 19.30
N GLY A 374 16.02 -2.47 19.33
CA GLY A 374 17.43 -2.12 19.22
C GLY A 374 18.01 -2.51 17.84
N LYS A 375 19.05 -1.78 17.42
CA LYS A 375 19.63 -1.84 16.08
C LYS A 375 18.58 -1.42 15.04
N ALA A 383 17.12 -7.01 13.62
CA ALA A 383 16.08 -6.49 14.54
C ALA A 383 15.96 -7.41 15.75
N GLN A 384 16.50 -6.94 16.89
CA GLN A 384 16.48 -7.64 18.18
C GLN A 384 15.73 -6.79 19.20
N ILE A 385 15.04 -7.46 20.16
CA ILE A 385 14.28 -6.83 21.22
C ILE A 385 15.25 -6.41 22.33
N GLN A 386 15.36 -5.08 22.56
CA GLN A 386 16.24 -4.51 23.57
C GLN A 386 15.65 -4.75 24.95
N GLU A 387 14.44 -4.21 25.18
CA GLU A 387 13.68 -4.37 26.42
C GLU A 387 12.20 -4.15 26.15
N VAL A 388 11.38 -4.24 27.21
CA VAL A 388 9.95 -3.92 27.20
C VAL A 388 9.69 -2.95 28.35
N LYS A 389 8.88 -1.91 28.08
CA LYS A 389 8.48 -0.93 29.09
C LYS A 389 7.32 -1.49 29.92
N GLU A 390 7.63 -2.40 30.83
CA GLU A 390 6.65 -3.07 31.68
C GLU A 390 6.30 -2.17 32.85
N GLN A 391 5.03 -1.73 32.91
CA GLN A 391 4.53 -0.83 33.94
C GLN A 391 3.01 -0.90 33.95
N ARG A 392 2.40 -0.29 35.00
CA ARG A 392 0.98 -0.39 35.30
C ARG A 392 0.20 0.80 34.77
N ILE A 393 0.89 1.90 34.39
CA ILE A 393 0.27 3.18 34.06
C ILE A 393 -0.43 3.12 32.70
N SER A 394 0.12 2.36 31.75
CA SER A 394 -0.47 2.16 30.43
C SER A 394 -1.83 1.48 30.53
N GLY A 395 -1.88 0.33 31.20
CA GLY A 395 -3.09 -0.43 31.39
C GLY A 395 -4.14 0.27 32.24
N LEU A 396 -3.68 1.13 33.16
CA LEU A 396 -4.55 1.92 34.02
C LEU A 396 -5.23 3.01 33.22
N LEU A 397 -4.45 3.78 32.46
CA LEU A 397 -4.93 4.95 31.73
C LEU A 397 -5.91 4.52 30.66
N VAL A 398 -5.66 3.39 29.97
CA VAL A 398 -6.54 2.83 28.95
C VAL A 398 -7.90 2.55 29.57
N ALA A 399 -7.90 1.85 30.73
CA ALA A 399 -9.12 1.47 31.43
C ALA A 399 -9.92 2.71 31.87
N VAL A 400 -9.23 3.72 32.40
CA VAL A 400 -9.85 4.98 32.81
C VAL A 400 -10.43 5.71 31.60
N LEU A 401 -9.71 5.78 30.49
CA LEU A 401 -10.16 6.38 29.23
C LEU A 401 -11.39 5.64 28.67
N VAL A 402 -11.41 4.28 28.78
CA VAL A 402 -12.55 3.46 28.41
C VAL A 402 -13.74 3.78 29.31
N GLY A 403 -13.47 4.04 30.59
CA GLY A 403 -14.50 4.47 31.51
C GLY A 403 -15.07 5.85 31.19
N LEU A 404 -14.24 6.75 30.68
CA LEU A 404 -14.62 8.12 30.37
C LEU A 404 -15.06 8.29 28.91
N SER A 405 -15.11 7.19 28.14
CA SER A 405 -15.56 7.16 26.76
C SER A 405 -16.98 7.69 26.62
N ILE A 406 -17.85 7.40 27.61
CA ILE A 406 -19.24 7.81 27.63
C ILE A 406 -19.36 9.33 27.72
N LEU A 407 -18.40 9.98 28.40
CA LEU A 407 -18.36 11.44 28.56
C LEU A 407 -17.76 12.12 27.33
N MET A 408 -16.72 11.53 26.72
CA MET A 408 -16.02 12.13 25.60
C MET A 408 -16.62 11.68 24.25
N GLU A 409 -17.96 11.69 24.17
CA GLU A 409 -18.71 11.42 22.94
C GLU A 409 -18.41 12.48 21.88
N PRO A 410 -18.34 13.78 22.22
CA PRO A 410 -17.98 14.82 21.26
C PRO A 410 -16.76 14.54 20.38
N ILE A 411 -15.74 13.88 20.96
CA ILE A 411 -14.50 13.52 20.28
C ILE A 411 -14.75 12.23 19.48
N LEU A 412 -15.27 11.20 20.16
CA LEU A 412 -15.51 9.88 19.52
C LEU A 412 -16.50 10.03 18.34
N SER A 413 -17.31 11.10 18.32
CA SER A 413 -18.34 11.27 17.28
C SER A 413 -17.72 11.63 15.92
N ARG A 414 -16.47 12.10 15.91
CA ARG A 414 -15.79 12.50 14.66
C ARG A 414 -14.91 11.35 14.16
N ILE A 415 -14.83 10.26 14.93
CA ILE A 415 -13.93 9.12 14.57
C ILE A 415 -14.75 8.03 13.88
N PRO A 416 -14.50 7.72 12.58
CA PRO A 416 -15.20 6.65 11.88
C PRO A 416 -14.86 5.26 12.41
N LEU A 417 -15.72 4.27 12.07
CA LEU A 417 -15.43 2.87 12.33
C LEU A 417 -14.46 2.34 11.30
N ALA A 418 -14.58 2.83 10.06
CA ALA A 418 -13.74 2.45 8.93
C ALA A 418 -12.26 2.55 9.28
N VAL A 419 -11.85 3.64 9.96
CA VAL A 419 -10.45 3.87 10.33
C VAL A 419 -9.99 2.87 11.39
N LEU A 420 -10.84 2.63 12.40
CA LEU A 420 -10.54 1.72 13.50
C LEU A 420 -10.58 0.26 13.05
N PHE A 421 -11.24 -0.05 11.93
CA PHE A 421 -11.16 -1.35 11.26
C PHE A 421 -9.81 -1.49 10.59
N GLY A 422 -9.27 -0.39 10.06
CA GLY A 422 -7.92 -0.33 9.52
C GLY A 422 -6.84 -0.58 10.59
N ILE A 423 -7.14 -0.19 11.84
CA ILE A 423 -6.27 -0.41 13.00
C ILE A 423 -6.37 -1.87 13.47
N PHE A 424 -7.58 -2.47 13.37
CA PHE A 424 -7.78 -3.87 13.72
C PHE A 424 -7.00 -4.78 12.78
N LEU A 425 -6.97 -4.43 11.49
CA LEU A 425 -6.20 -5.14 10.48
C LEU A 425 -4.70 -5.05 10.77
N TYR A 426 -4.26 -3.89 11.25
CA TYR A 426 -2.89 -3.66 11.67
C TYR A 426 -2.54 -4.48 12.90
N MET A 427 -3.45 -4.53 13.89
CA MET A 427 -3.32 -5.37 15.07
C MET A 427 -3.30 -6.86 14.73
N GLY A 428 -4.15 -7.25 13.78
CA GLY A 428 -4.26 -8.62 13.34
C GLY A 428 -2.97 -9.15 12.70
N VAL A 429 -2.36 -8.37 11.79
CA VAL A 429 -1.17 -8.75 11.05
C VAL A 429 0.06 -8.71 11.98
N THR A 430 0.16 -7.68 12.82
CA THR A 430 1.27 -7.47 13.72
C THR A 430 1.33 -8.55 14.81
N SER A 431 0.17 -9.11 15.18
CA SER A 431 0.03 -10.15 16.19
C SER A 431 0.74 -11.45 15.76
N LEU A 432 0.89 -11.68 14.45
CA LEU A 432 1.48 -12.89 13.89
C LEU A 432 3.01 -12.88 13.94
N SER A 433 3.60 -11.70 14.24
CA SER A 433 5.02 -11.43 14.15
C SER A 433 5.86 -12.49 14.86
N GLY A 434 5.63 -12.66 16.16
CA GLY A 434 6.43 -13.60 16.95
C GLY A 434 5.72 -14.92 17.21
N ILE A 435 5.33 -15.57 16.10
CA ILE A 435 4.70 -16.89 16.09
C ILE A 435 5.46 -17.76 15.08
N GLN A 436 6.14 -18.81 15.58
CA GLN A 436 6.98 -19.69 14.77
C GLN A 436 6.13 -20.53 13.80
N LEU A 437 4.86 -20.77 14.13
CA LEU A 437 3.90 -21.41 13.23
C LEU A 437 3.79 -20.59 11.96
N PHE A 438 3.46 -19.29 12.11
CA PHE A 438 3.33 -18.34 11.01
C PHE A 438 4.62 -18.28 10.20
N ASP A 439 5.79 -18.32 10.87
CA ASP A 439 7.08 -18.31 10.23
C ASP A 439 7.26 -19.54 9.34
N ARG A 440 6.79 -20.70 9.81
CA ARG A 440 6.86 -21.95 9.07
C ARG A 440 5.82 -22.02 7.94
N ILE A 441 4.73 -21.23 8.04
CA ILE A 441 3.73 -21.14 6.98
C ILE A 441 4.36 -20.43 5.78
N LEU A 442 5.25 -19.46 6.02
CA LEU A 442 5.95 -18.74 4.98
C LEU A 442 7.00 -19.63 4.32
N LEU A 443 7.68 -20.48 5.11
CA LEU A 443 8.74 -21.37 4.62
C LEU A 443 8.19 -22.46 3.70
N LEU A 444 6.91 -22.79 3.79
CA LEU A 444 6.25 -23.72 2.87
C LEU A 444 6.33 -23.19 1.44
N PHE A 445 6.23 -21.87 1.26
CA PHE A 445 6.22 -21.21 -0.02
C PHE A 445 7.64 -20.90 -0.50
N LYS A 446 8.51 -20.50 0.44
CA LYS A 446 9.92 -20.19 0.15
C LYS A 446 10.66 -21.47 -0.24
N PRO A 447 11.66 -21.40 -1.15
CA PRO A 447 12.51 -22.57 -1.45
C PRO A 447 13.38 -22.98 -0.26
N PRO A 448 13.92 -24.22 -0.27
CA PRO A 448 14.68 -24.73 0.87
C PRO A 448 16.05 -24.08 1.08
N LYS A 449 16.66 -23.57 0.01
CA LYS A 449 17.95 -22.88 0.07
C LYS A 449 17.80 -21.53 0.77
N TYR A 450 16.68 -20.83 0.52
CA TYR A 450 16.35 -19.56 1.15
C TYR A 450 15.48 -19.78 2.39
N HIS A 451 16.05 -20.45 3.40
CA HIS A 451 15.43 -20.64 4.71
C HIS A 451 16.15 -19.76 5.75
N PRO A 452 15.56 -19.37 6.91
CA PRO A 452 16.25 -18.48 7.84
C PRO A 452 17.41 -19.17 8.56
N ASP A 453 17.70 -20.43 8.21
CA ASP A 453 18.80 -21.22 8.84
C ASP A 453 18.61 -21.21 10.37
N VAL A 454 17.38 -21.38 10.84
CA VAL A 454 17.10 -21.45 12.31
C VAL A 454 17.41 -22.88 12.79
N PRO A 455 17.55 -23.14 14.11
CA PRO A 455 17.93 -24.47 14.60
C PRO A 455 17.15 -25.61 13.94
N TYR A 456 15.81 -25.51 13.89
CA TYR A 456 14.99 -26.60 13.32
C TYR A 456 15.21 -26.71 11.81
N VAL A 457 15.44 -25.59 11.11
CA VAL A 457 15.76 -25.66 9.66
C VAL A 457 17.06 -26.47 9.48
N LYS A 458 18.08 -26.16 10.28
CA LYS A 458 19.40 -26.82 10.14
C LYS A 458 19.29 -28.31 10.51
N ARG A 459 18.51 -28.66 11.55
CA ARG A 459 18.47 -30.07 12.02
C ARG A 459 17.34 -30.84 11.34
N VAL A 460 16.08 -30.46 11.54
CA VAL A 460 14.96 -31.22 10.99
C VAL A 460 15.02 -31.15 9.47
N LYS A 461 14.59 -32.25 8.80
CA LYS A 461 14.56 -32.37 7.35
C LYS A 461 13.41 -31.52 6.82
N THR A 462 13.60 -30.89 5.64
CA THR A 462 12.68 -29.88 5.11
C THR A 462 11.26 -30.45 4.96
N TRP A 463 11.18 -31.71 4.50
CA TRP A 463 9.90 -32.39 4.29
C TRP A 463 9.24 -32.76 5.61
N ARG A 464 10.04 -33.00 6.66
CA ARG A 464 9.55 -33.32 8.01
C ARG A 464 9.03 -32.06 8.70
N MET A 465 9.74 -30.93 8.55
CA MET A 465 9.31 -29.65 9.09
C MET A 465 7.97 -29.23 8.48
N HIS A 466 7.84 -29.39 7.15
CA HIS A 466 6.63 -29.05 6.42
C HIS A 466 5.49 -29.99 6.81
N LEU A 467 5.80 -31.23 7.13
CA LEU A 467 4.83 -32.21 7.63
C LEU A 467 4.34 -31.81 9.03
N PHE A 468 5.24 -31.28 9.87
CA PHE A 468 4.89 -30.79 11.18
C PHE A 468 3.97 -29.59 11.07
N THR A 469 4.35 -28.64 10.22
CA THR A 469 3.57 -27.45 9.92
C THR A 469 2.21 -27.83 9.32
N GLY A 470 2.19 -28.86 8.47
CA GLY A 470 0.99 -29.37 7.87
C GLY A 470 -0.06 -29.83 8.88
N ILE A 471 0.37 -30.53 9.93
CA ILE A 471 -0.49 -31.06 10.99
C ILE A 471 -1.09 -29.92 11.82
N GLN A 472 -0.36 -28.82 11.99
CA GLN A 472 -0.84 -27.66 12.71
C GLN A 472 -1.87 -26.85 11.88
N ILE A 473 -1.83 -26.93 10.55
CA ILE A 473 -2.87 -26.38 9.69
C ILE A 473 -4.14 -27.24 9.77
N ILE A 474 -3.97 -28.59 9.83
CA ILE A 474 -5.07 -29.52 10.02
C ILE A 474 -5.82 -29.18 11.32
N CYS A 475 -5.07 -28.85 12.39
CA CYS A 475 -5.60 -28.44 13.67
C CYS A 475 -6.33 -27.10 13.57
N LEU A 476 -5.69 -26.11 12.93
CA LEU A 476 -6.27 -24.80 12.69
C LEU A 476 -7.58 -24.93 11.91
N ALA A 477 -7.57 -25.80 10.88
CA ALA A 477 -8.72 -26.06 10.03
C ALA A 477 -9.87 -26.64 10.84
N VAL A 478 -9.57 -27.66 11.65
CA VAL A 478 -10.54 -28.32 12.51
C VAL A 478 -11.15 -27.33 13.54
N LEU A 479 -10.30 -26.50 14.14
CA LEU A 479 -10.70 -25.47 15.07
C LEU A 479 -11.62 -24.43 14.42
N TRP A 480 -11.32 -24.05 13.17
CA TRP A 480 -12.10 -23.09 12.41
C TRP A 480 -13.46 -23.67 11.99
N VAL A 481 -13.49 -25.01 11.77
CA VAL A 481 -14.72 -25.72 11.44
C VAL A 481 -15.61 -25.79 12.68
N VAL A 482 -15.02 -26.14 13.83
CA VAL A 482 -15.71 -26.21 15.12
C VAL A 482 -16.27 -24.86 15.50
N LYS A 483 -15.52 -23.79 15.21
CA LYS A 483 -15.94 -22.42 15.44
C LYS A 483 -17.15 -22.05 14.57
N SER A 484 -17.13 -22.45 13.28
CA SER A 484 -18.17 -22.16 12.31
C SER A 484 -19.50 -22.83 12.67
N THR A 485 -19.43 -24.09 13.15
CA THR A 485 -20.58 -24.89 13.56
C THR A 485 -21.23 -24.31 14.80
N PRO A 486 -22.51 -24.66 15.12
CA PRO A 486 -23.18 -24.24 16.34
C PRO A 486 -22.42 -24.51 17.65
N ALA A 487 -21.70 -25.63 17.70
CA ALA A 487 -20.90 -26.04 18.84
C ALA A 487 -19.61 -25.23 18.91
N SER A 488 -19.73 -23.94 19.28
CA SER A 488 -18.62 -23.00 19.37
C SER A 488 -18.03 -22.93 20.78
N LEU A 489 -18.83 -23.35 21.78
CA LEU A 489 -18.43 -23.46 23.17
C LEU A 489 -17.60 -24.75 23.40
N ALA A 490 -17.55 -25.63 22.39
CA ALA A 490 -16.72 -26.82 22.36
C ALA A 490 -15.30 -26.53 21.86
N LEU A 491 -15.07 -25.34 21.29
CA LEU A 491 -13.79 -24.93 20.70
C LEU A 491 -12.67 -25.00 21.73
N PRO A 492 -12.84 -24.51 22.99
CA PRO A 492 -11.76 -24.55 23.97
C PRO A 492 -11.31 -25.97 24.31
N PHE A 493 -12.25 -26.92 24.28
CA PHE A 493 -12.00 -28.33 24.58
C PHE A 493 -11.33 -29.04 23.39
N VAL A 494 -11.49 -28.51 22.17
CA VAL A 494 -10.79 -28.99 20.99
C VAL A 494 -9.33 -28.50 21.01
N LEU A 495 -9.11 -27.27 21.51
CA LEU A 495 -7.76 -26.72 21.69
C LEU A 495 -7.02 -27.46 22.80
N ILE A 496 -7.73 -27.96 23.80
CA ILE A 496 -7.17 -28.80 24.86
C ILE A 496 -6.59 -30.07 24.27
N LEU A 497 -7.20 -30.62 23.21
CA LEU A 497 -6.75 -31.85 22.55
C LEU A 497 -5.43 -31.63 21.78
N THR A 498 -5.07 -30.37 21.51
CA THR A 498 -3.81 -30.00 20.88
C THR A 498 -2.61 -30.37 21.77
N VAL A 499 -2.79 -30.44 23.10
CA VAL A 499 -1.74 -30.79 24.05
C VAL A 499 -1.49 -32.31 24.03
N PRO A 500 -2.52 -33.19 24.15
CA PRO A 500 -2.34 -34.61 23.86
C PRO A 500 -1.63 -34.92 22.56
N LEU A 501 -2.00 -34.24 21.46
CA LEU A 501 -1.42 -34.41 20.14
C LEU A 501 0.10 -34.38 20.22
N ARG A 502 0.69 -33.28 20.72
CA ARG A 502 2.12 -33.10 20.86
C ARG A 502 2.72 -34.08 21.86
N ARG A 503 1.90 -34.54 22.82
CA ARG A 503 2.35 -35.37 23.92
C ARG A 503 2.38 -36.86 23.59
N VAL A 504 1.38 -37.34 22.84
CA VAL A 504 1.24 -38.78 22.58
C VAL A 504 1.26 -39.11 21.07
N LEU A 505 0.58 -38.32 20.22
CA LEU A 505 0.43 -38.64 18.80
C LEU A 505 1.69 -38.32 18.01
N LEU A 506 2.31 -37.15 18.19
CA LEU A 506 3.47 -36.71 17.41
C LEU A 506 4.69 -37.58 17.72
N PRO A 507 5.01 -37.94 18.98
CA PRO A 507 6.14 -38.83 19.26
C PRO A 507 6.17 -40.16 18.52
N LEU A 508 5.03 -40.62 17.98
CA LEU A 508 4.93 -41.84 17.19
C LEU A 508 5.48 -41.60 15.78
N ILE A 509 4.92 -40.60 15.08
CA ILE A 509 5.25 -40.29 13.69
C ILE A 509 6.55 -39.50 13.61
N PHE A 510 6.82 -38.61 14.57
CA PHE A 510 8.04 -37.79 14.64
C PHE A 510 9.02 -38.38 15.66
N ARG A 511 10.24 -37.80 15.73
CA ARG A 511 11.29 -38.18 16.67
C ARG A 511 11.43 -37.08 17.72
N ASN A 512 12.11 -37.38 18.85
CA ASN A 512 12.27 -36.46 19.97
C ASN A 512 13.08 -35.24 19.53
N VAL A 513 14.17 -35.49 18.79
CA VAL A 513 15.14 -34.47 18.39
C VAL A 513 14.45 -33.37 17.60
N GLU A 514 13.54 -33.77 16.68
CA GLU A 514 12.83 -32.86 15.81
C GLU A 514 11.78 -32.09 16.60
N LEU A 515 11.02 -32.82 17.43
CA LEU A 515 9.98 -32.29 18.34
C LEU A 515 10.56 -31.25 19.27
N GLN A 516 11.73 -31.51 19.85
CA GLN A 516 12.41 -30.59 20.76
C GLN A 516 12.84 -29.31 20.03
N CYS A 517 13.20 -29.44 18.76
CA CYS A 517 13.71 -28.33 17.95
C CYS A 517 12.55 -27.45 17.47
N LEU A 518 11.50 -28.09 16.93
CA LEU A 518 10.32 -27.42 16.42
C LEU A 518 9.53 -26.77 17.56
N ASP A 519 9.22 -27.57 18.59
CA ASP A 519 8.55 -27.12 19.81
C ASP A 519 9.58 -26.95 20.93
N ALA A 520 10.04 -25.69 21.12
CA ALA A 520 11.00 -25.31 22.15
C ALA A 520 10.43 -24.20 23.02
N ASP A 521 10.74 -24.19 24.33
CA ASP A 521 10.23 -23.19 25.26
C ASP A 521 10.90 -21.83 25.03
N ASP A 522 12.22 -21.86 24.75
CA ASP A 522 13.03 -20.68 24.41
C ASP A 522 13.66 -20.90 23.04
N ALA A 523 13.90 -19.79 22.30
CA ALA A 523 14.61 -19.80 21.02
C ALA A 523 15.75 -18.77 21.03
N ASP B 1 35.38 3.56 -30.88
CA ASP B 1 34.23 2.80 -30.32
C ASP B 1 33.20 3.77 -29.72
N ASP B 2 33.68 4.85 -29.08
CA ASP B 2 32.84 5.90 -28.51
C ASP B 2 32.01 6.56 -29.62
N PRO B 3 30.65 6.50 -29.57
CA PRO B 3 29.81 7.06 -30.62
C PRO B 3 29.98 8.54 -30.89
N LEU B 4 30.08 9.36 -29.82
CA LEU B 4 30.10 10.81 -29.92
C LEU B 4 31.52 11.32 -30.21
N GLN B 5 31.91 11.22 -31.50
CA GLN B 5 33.17 11.73 -32.02
C GLN B 5 32.97 12.28 -33.42
N GLN B 6 33.68 13.39 -33.72
CA GLN B 6 33.76 13.95 -35.05
C GLN B 6 34.78 13.15 -35.87
N THR B 7 34.28 12.49 -36.94
CA THR B 7 35.07 11.72 -37.88
C THR B 7 35.91 12.67 -38.76
N GLY B 8 35.27 13.78 -39.18
CA GLY B 8 35.89 14.78 -40.03
C GLY B 8 35.52 14.57 -41.50
N GLN B 9 34.33 14.00 -41.75
CA GLN B 9 33.81 13.76 -43.09
C GLN B 9 32.29 13.85 -43.06
N LEU B 10 31.65 14.10 -44.22
CA LEU B 10 30.22 14.34 -44.33
C LEU B 10 29.47 13.04 -44.10
N PHE B 11 28.56 13.05 -43.11
CA PHE B 11 27.75 11.91 -42.68
C PHE B 11 28.65 10.78 -42.20
N GLY B 12 29.63 11.11 -41.37
CA GLY B 12 30.59 10.15 -40.83
C GLY B 12 30.00 9.38 -39.66
N GLY B 13 29.30 10.10 -38.78
CA GLY B 13 28.62 9.53 -37.64
C GLY B 13 27.46 8.60 -38.03
N LEU B 14 26.63 9.05 -38.97
CA LEU B 14 25.52 8.28 -39.52
C LEU B 14 25.97 6.92 -40.04
N VAL B 15 27.08 6.88 -40.81
CA VAL B 15 27.65 5.67 -41.38
C VAL B 15 28.18 4.75 -40.28
N ARG B 16 28.85 5.37 -39.29
CA ARG B 16 29.48 4.67 -38.18
C ARG B 16 28.44 4.09 -37.23
N ASP B 17 27.28 4.74 -37.10
CA ASP B 17 26.15 4.28 -36.29
C ASP B 17 25.50 3.07 -36.92
N ILE B 18 25.33 3.08 -38.25
CA ILE B 18 24.77 1.96 -39.01
C ILE B 18 25.74 0.78 -38.95
N ARG B 19 27.01 1.05 -39.21
CA ARG B 19 28.09 0.07 -39.21
C ARG B 19 28.20 -0.65 -37.87
N ARG B 20 27.78 0.00 -36.78
CA ARG B 20 27.99 -0.61 -35.44
C ARG B 20 26.80 -1.50 -35.04
N ARG B 21 25.56 -1.09 -35.34
CA ARG B 21 24.40 -1.80 -34.82
C ARG B 21 23.85 -2.87 -35.79
N TYR B 22 23.92 -2.62 -37.10
CA TYR B 22 23.26 -3.46 -38.08
C TYR B 22 23.89 -4.85 -38.12
N PRO B 23 25.20 -5.03 -37.82
CA PRO B 23 25.78 -6.36 -37.56
C PRO B 23 25.05 -7.21 -36.52
N TYR B 24 24.35 -6.56 -35.58
CA TYR B 24 23.59 -7.22 -34.53
C TYR B 24 22.11 -7.46 -34.91
N TYR B 25 21.72 -7.18 -36.16
CA TYR B 25 20.31 -7.12 -36.55
C TYR B 25 19.64 -8.48 -36.48
N LEU B 26 20.39 -9.56 -36.75
CA LEU B 26 19.85 -10.90 -36.63
C LEU B 26 19.65 -11.26 -35.15
N SER B 27 20.53 -10.76 -34.28
CA SER B 27 20.40 -10.87 -32.82
C SER B 27 19.22 -10.07 -32.28
N ASP B 28 18.87 -8.95 -32.95
CA ASP B 28 17.77 -8.09 -32.58
C ASP B 28 16.41 -8.73 -32.85
N ILE B 29 16.36 -9.92 -33.45
CA ILE B 29 15.11 -10.64 -33.66
C ILE B 29 15.04 -11.84 -32.69
N THR B 30 16.12 -12.63 -32.58
CA THR B 30 16.15 -13.81 -31.75
C THR B 30 16.10 -13.45 -30.25
N ASP B 31 16.81 -12.38 -29.85
CA ASP B 31 16.89 -11.98 -28.45
C ASP B 31 15.49 -11.68 -27.89
N ALA B 32 14.53 -11.42 -28.78
CA ALA B 32 13.17 -11.09 -28.39
C ALA B 32 12.39 -12.33 -27.99
N PHE B 33 12.97 -13.52 -28.14
CA PHE B 33 12.27 -14.77 -27.85
C PHE B 33 12.39 -15.09 -26.35
N SER B 34 11.65 -14.34 -25.53
CA SER B 34 11.61 -14.56 -24.09
C SER B 34 10.28 -14.04 -23.54
N PRO B 35 9.72 -14.69 -22.50
CA PRO B 35 8.46 -14.26 -21.91
C PRO B 35 8.57 -12.83 -21.39
N GLN B 36 9.75 -12.46 -20.87
CA GLN B 36 9.97 -11.12 -20.34
C GLN B 36 9.75 -10.07 -21.42
N VAL B 37 10.10 -10.41 -22.67
CA VAL B 37 9.93 -9.53 -23.82
C VAL B 37 8.44 -9.34 -24.14
N LEU B 38 7.65 -10.41 -24.03
CA LEU B 38 6.21 -10.37 -24.27
C LEU B 38 5.52 -9.54 -23.19
N ALA B 39 6.00 -9.62 -21.94
CA ALA B 39 5.49 -8.82 -20.83
C ALA B 39 5.77 -7.33 -21.03
N ALA B 40 6.89 -7.00 -21.68
CA ALA B 40 7.25 -5.63 -22.01
C ALA B 40 6.33 -5.08 -23.10
N VAL B 41 6.02 -5.89 -24.12
CA VAL B 41 5.14 -5.53 -25.22
C VAL B 41 3.78 -5.08 -24.68
N ILE B 42 3.20 -5.87 -23.75
CA ILE B 42 1.90 -5.62 -23.14
C ILE B 42 1.93 -4.35 -22.28
N PHE B 43 3.00 -4.18 -21.50
CA PHE B 43 3.18 -3.06 -20.57
C PHE B 43 3.37 -1.75 -21.33
N ILE B 44 4.33 -1.74 -22.28
CA ILE B 44 4.74 -0.54 -22.98
C ILE B 44 3.67 -0.14 -24.01
N TYR B 45 2.83 -1.08 -24.43
CA TYR B 45 1.68 -0.80 -25.27
C TYR B 45 0.75 0.23 -24.62
N PHE B 46 0.28 -0.06 -23.41
CA PHE B 46 -0.58 0.82 -22.63
C PHE B 46 0.14 2.11 -22.22
N ALA B 47 1.45 2.00 -21.98
CA ALA B 47 2.33 3.12 -21.68
C ALA B 47 2.48 4.05 -22.87
N ALA B 48 2.41 3.49 -24.10
CA ALA B 48 2.57 4.21 -25.35
C ALA B 48 1.24 4.72 -25.88
N LEU B 49 0.19 3.91 -25.73
CA LEU B 49 -1.14 4.20 -26.28
C LEU B 49 -1.79 5.38 -25.58
N SER B 50 -2.01 5.26 -24.25
CA SER B 50 -2.83 6.17 -23.47
C SER B 50 -2.36 7.62 -23.54
N PRO B 51 -1.06 7.92 -23.55
CA PRO B 51 -0.56 9.25 -23.92
C PRO B 51 -0.99 9.75 -25.29
N ALA B 52 -0.89 8.89 -26.32
CA ALA B 52 -1.35 9.28 -27.68
C ALA B 52 -2.86 9.52 -27.67
N ILE B 53 -3.61 8.77 -26.85
CA ILE B 53 -5.05 8.97 -26.74
C ILE B 53 -5.31 10.32 -26.08
N THR B 54 -4.56 10.65 -25.01
CA THR B 54 -4.74 11.86 -24.23
C THR B 54 -4.31 13.09 -25.00
N PHE B 55 -3.03 13.12 -25.39
CA PHE B 55 -2.48 14.25 -26.20
C PHE B 55 -3.32 14.44 -27.46
N GLY B 56 -3.69 13.34 -28.13
CA GLY B 56 -4.57 13.43 -29.32
C GLY B 56 -5.87 14.12 -28.96
N GLY B 57 -6.48 13.73 -27.83
CA GLY B 57 -7.68 14.38 -27.35
C GLY B 57 -7.47 15.87 -27.08
N LEU B 58 -6.31 16.22 -26.50
CA LEU B 58 -5.93 17.59 -26.20
C LEU B 58 -5.66 18.36 -27.49
N LEU B 59 -4.97 17.75 -28.44
CA LEU B 59 -4.75 18.41 -29.76
C LEU B 59 -6.12 18.68 -30.38
N GLY B 60 -7.00 17.67 -30.39
CA GLY B 60 -8.30 17.78 -31.00
C GLY B 60 -9.07 19.04 -30.60
N GLU B 61 -9.14 19.31 -29.28
CA GLU B 61 -9.93 20.41 -28.73
C GLU B 61 -9.21 21.75 -28.86
N LYS B 62 -7.87 21.72 -28.93
CA LYS B 62 -7.07 22.97 -29.01
C LYS B 62 -6.74 23.30 -30.47
N THR B 63 -7.08 22.40 -31.40
CA THR B 63 -6.74 22.60 -32.84
C THR B 63 -8.03 22.49 -33.67
N ARG B 64 -9.19 22.46 -33.00
CA ARG B 64 -10.50 22.34 -33.72
C ARG B 64 -10.49 21.10 -34.62
N ASN B 65 -9.91 19.99 -34.14
CA ASN B 65 -9.94 18.70 -34.89
C ASN B 65 -9.09 18.75 -36.17
N GLN B 66 -8.29 19.79 -36.38
CA GLN B 66 -7.39 19.78 -37.56
C GLN B 66 -6.41 18.62 -37.41
N MET B 67 -6.22 18.14 -36.18
CA MET B 67 -5.33 16.97 -35.91
C MET B 67 -5.75 16.36 -34.57
N GLY B 68 -6.29 15.14 -34.58
CA GLY B 68 -6.81 14.55 -33.32
C GLY B 68 -6.17 13.22 -32.98
N VAL B 69 -6.91 12.34 -32.29
CA VAL B 69 -6.37 11.03 -31.84
C VAL B 69 -6.01 10.17 -33.07
N SER B 70 -6.88 10.15 -34.09
CA SER B 70 -6.65 9.28 -35.27
C SER B 70 -5.25 9.52 -35.84
N GLU B 71 -4.93 10.78 -36.14
CA GLU B 71 -3.62 11.11 -36.76
C GLU B 71 -2.49 10.70 -35.81
N LEU B 72 -2.59 11.03 -34.53
CA LEU B 72 -1.51 10.73 -33.55
C LEU B 72 -1.30 9.20 -33.48
N LEU B 73 -2.39 8.42 -33.37
CA LEU B 73 -2.26 6.95 -33.26
C LEU B 73 -1.54 6.40 -34.49
N ILE B 74 -1.96 6.82 -35.69
CA ILE B 74 -1.36 6.32 -36.96
C ILE B 74 0.11 6.78 -37.02
N SER B 75 0.39 8.03 -36.63
CA SER B 75 1.79 8.54 -36.61
C SER B 75 2.65 7.68 -35.69
N THR B 76 2.19 7.47 -34.45
CA THR B 76 2.95 6.67 -33.45
C THR B 76 3.13 5.23 -33.96
N ALA B 77 2.19 4.75 -34.78
CA ALA B 77 2.25 3.41 -35.29
C ALA B 77 3.27 3.30 -36.42
N VAL B 78 3.16 4.16 -37.42
CA VAL B 78 4.00 4.12 -38.61
C VAL B 78 5.47 4.46 -38.25
N GLN B 79 5.69 5.57 -37.54
CA GLN B 79 7.02 5.98 -37.11
C GLN B 79 7.62 5.01 -36.08
N GLY B 80 6.77 4.39 -35.26
CA GLY B 80 7.20 3.37 -34.33
C GLY B 80 7.68 2.07 -34.99
N ILE B 81 7.03 1.66 -36.09
CA ILE B 81 7.38 0.48 -36.87
C ILE B 81 8.70 0.73 -37.58
N LEU B 82 8.80 1.86 -38.29
CA LEU B 82 9.98 2.20 -39.09
C LEU B 82 11.19 2.31 -38.18
N PHE B 83 11.08 3.03 -37.07
CA PHE B 83 12.18 3.29 -36.17
C PHE B 83 12.67 1.99 -35.51
N ALA B 84 11.75 1.06 -35.20
CA ALA B 84 12.09 -0.24 -34.66
C ALA B 84 12.84 -1.07 -35.70
N LEU B 85 12.46 -0.94 -36.97
CA LEU B 85 13.04 -1.73 -38.06
C LEU B 85 14.34 -1.11 -38.60
N LEU B 86 14.54 0.20 -38.46
CA LEU B 86 15.67 0.90 -39.08
C LEU B 86 16.56 1.64 -38.08
N GLY B 87 16.15 1.77 -36.81
CA GLY B 87 16.84 2.62 -35.85
C GLY B 87 18.12 1.98 -35.33
N ALA B 88 18.86 2.77 -34.52
CA ALA B 88 20.12 2.35 -33.88
C ALA B 88 19.82 1.84 -32.47
N GLN B 89 18.94 2.53 -31.72
CA GLN B 89 18.50 2.14 -30.39
C GLN B 89 17.00 1.86 -30.43
N PRO B 90 16.57 0.60 -30.69
CA PRO B 90 15.16 0.24 -30.73
C PRO B 90 14.36 0.41 -29.43
N LEU B 91 15.06 0.42 -28.29
CA LEU B 91 14.44 0.58 -26.98
C LEU B 91 13.83 1.98 -26.77
N LEU B 92 14.25 2.98 -27.56
CA LEU B 92 13.64 4.30 -27.55
C LEU B 92 12.21 4.20 -28.09
N VAL B 93 11.22 4.57 -27.26
CA VAL B 93 9.82 4.68 -27.66
C VAL B 93 9.59 6.07 -28.24
N VAL B 94 9.32 6.13 -29.56
CA VAL B 94 8.99 7.34 -30.29
C VAL B 94 7.50 7.61 -30.19
N GLY B 95 7.13 8.74 -29.58
CA GLY B 95 5.75 9.18 -29.45
C GLY B 95 5.63 10.69 -29.22
N PHE B 96 4.39 11.13 -29.00
CA PHE B 96 4.11 12.57 -28.78
C PHE B 96 4.43 12.93 -27.34
N SER B 97 4.90 14.16 -27.12
CA SER B 97 5.31 14.64 -25.80
C SER B 97 4.59 15.94 -25.49
N GLY B 98 4.73 16.41 -24.25
CA GLY B 98 4.09 17.65 -23.80
C GLY B 98 4.67 18.90 -24.45
N PRO B 99 6.00 19.08 -24.55
CA PRO B 99 6.58 20.23 -25.22
C PRO B 99 6.14 20.37 -26.68
N LEU B 100 5.87 19.25 -27.37
CA LEU B 100 5.36 19.24 -28.72
C LEU B 100 3.92 19.72 -28.77
N LEU B 101 3.09 19.33 -27.78
CA LEU B 101 1.72 19.80 -27.65
C LEU B 101 1.64 21.32 -27.46
N VAL B 102 2.59 21.85 -26.68
CA VAL B 102 2.72 23.27 -26.39
C VAL B 102 3.00 24.04 -27.66
N PHE B 103 3.83 23.47 -28.55
CA PHE B 103 4.17 24.09 -29.82
C PHE B 103 2.96 24.11 -30.75
N GLU B 104 2.15 23.04 -30.72
CA GLU B 104 1.01 22.91 -31.64
C GLU B 104 -0.12 23.88 -31.30
N GLU B 105 -0.36 24.15 -30.00
CA GLU B 105 -1.26 25.20 -29.58
C GLU B 105 -0.68 26.58 -29.91
N ALA B 106 0.61 26.76 -29.68
CA ALA B 106 1.33 27.98 -29.95
C ALA B 106 1.31 28.33 -31.43
N PHE B 107 1.51 27.31 -32.30
CA PHE B 107 1.53 27.48 -33.75
C PHE B 107 0.12 27.71 -34.30
N PHE B 108 -0.86 27.02 -33.73
CA PHE B 108 -2.25 27.17 -34.09
C PHE B 108 -2.75 28.56 -33.72
N SER B 109 -2.46 29.00 -32.48
CA SER B 109 -2.81 30.31 -31.98
C SER B 109 -2.18 31.42 -32.83
N PHE B 110 -0.95 31.20 -33.30
CA PHE B 110 -0.24 32.11 -34.20
C PHE B 110 -0.94 32.18 -35.57
N CYS B 111 -1.29 31.01 -36.11
CA CYS B 111 -1.93 30.87 -37.41
C CYS B 111 -3.35 31.44 -37.40
N GLU B 112 -4.07 31.30 -36.28
CA GLU B 112 -5.41 31.84 -36.10
C GLU B 112 -5.38 33.37 -36.07
N THR B 113 -4.38 33.94 -35.37
CA THR B 113 -4.22 35.37 -35.21
C THR B 113 -3.92 36.01 -36.57
N ASN B 114 -2.88 35.51 -37.26
CA ASN B 114 -2.44 36.02 -38.54
C ASN B 114 -3.40 35.64 -39.67
N GLY B 115 -4.12 34.52 -39.50
CA GLY B 115 -5.17 34.09 -40.42
C GLY B 115 -4.61 33.22 -41.55
N LEU B 116 -3.85 32.20 -41.14
CA LEU B 116 -3.18 31.26 -42.03
C LEU B 116 -3.68 29.84 -41.72
N GLU B 117 -3.51 28.92 -42.68
CA GLU B 117 -3.89 27.53 -42.50
C GLU B 117 -2.83 26.81 -41.68
N TYR B 118 -3.22 26.34 -40.49
CA TYR B 118 -2.35 25.68 -39.51
C TYR B 118 -1.69 24.45 -40.09
N ILE B 119 -2.49 23.50 -40.63
CA ILE B 119 -2.03 22.21 -41.07
C ILE B 119 -1.07 22.34 -42.25
N VAL B 120 -1.28 23.34 -43.11
CA VAL B 120 -0.40 23.64 -44.23
C VAL B 120 0.90 24.27 -43.74
N GLY B 121 0.81 25.05 -42.66
CA GLY B 121 1.96 25.64 -41.99
C GLY B 121 2.94 24.58 -41.48
N ARG B 122 2.42 23.55 -40.83
CA ARG B 122 3.22 22.43 -40.34
C ARG B 122 3.99 21.68 -41.44
N VAL B 123 3.40 21.52 -42.64
CA VAL B 123 4.03 20.90 -43.79
C VAL B 123 5.38 21.56 -44.08
N TRP B 124 5.44 22.90 -43.99
CA TRP B 124 6.64 23.68 -44.20
C TRP B 124 7.59 23.54 -43.01
N ILE B 125 7.07 23.55 -41.78
CA ILE B 125 7.87 23.26 -40.60
C ILE B 125 8.55 21.91 -40.80
N GLY B 126 7.81 20.93 -41.33
CA GLY B 126 8.28 19.58 -41.59
C GLY B 126 9.39 19.53 -42.63
N PHE B 127 9.27 20.37 -43.67
CA PHE B 127 10.27 20.46 -44.74
C PHE B 127 11.57 21.08 -44.22
N TRP B 128 11.47 22.12 -43.38
CA TRP B 128 12.60 22.78 -42.74
C TRP B 128 13.27 21.88 -41.69
N LEU B 129 12.51 21.01 -41.04
CA LEU B 129 13.05 20.04 -40.10
C LEU B 129 13.84 18.96 -40.84
N ILE B 130 13.44 18.58 -42.07
CA ILE B 130 14.17 17.65 -42.91
C ILE B 130 15.45 18.28 -43.43
N LEU B 131 15.41 19.58 -43.74
CA LEU B 131 16.57 20.32 -44.20
C LEU B 131 17.59 20.46 -43.07
N LEU B 132 17.13 20.77 -41.85
CA LEU B 132 17.97 21.02 -40.70
C LEU B 132 18.63 19.73 -40.23
N VAL B 133 17.87 18.64 -40.08
CA VAL B 133 18.38 17.39 -39.56
C VAL B 133 19.42 16.76 -40.52
N VAL B 134 19.19 16.86 -41.85
CA VAL B 134 20.15 16.42 -42.84
C VAL B 134 21.45 17.26 -42.78
N LEU B 135 21.31 18.58 -42.60
CA LEU B 135 22.40 19.51 -42.46
C LEU B 135 23.16 19.27 -41.14
N VAL B 136 22.44 18.88 -40.07
CA VAL B 136 23.02 18.60 -38.76
C VAL B 136 23.74 17.27 -38.79
N VAL B 137 23.10 16.22 -39.32
CA VAL B 137 23.65 14.89 -39.37
C VAL B 137 24.86 14.88 -40.30
N ALA B 138 24.83 15.70 -41.37
CA ALA B 138 25.94 15.88 -42.30
C ALA B 138 27.23 16.21 -41.56
N PHE B 139 27.18 17.21 -40.66
CA PHE B 139 28.33 17.73 -39.94
C PHE B 139 28.47 17.09 -38.54
N GLU B 140 27.67 16.06 -38.25
CA GLU B 140 27.77 15.23 -37.08
C GLU B 140 27.51 16.04 -35.83
N GLY B 141 26.41 16.81 -35.81
CA GLY B 141 26.15 17.80 -34.78
C GLY B 141 25.82 17.17 -33.42
N SER B 142 25.56 15.87 -33.39
CA SER B 142 25.30 15.12 -32.18
C SER B 142 26.55 14.96 -31.31
N PHE B 143 27.71 15.48 -31.74
CA PHE B 143 28.93 15.55 -30.96
C PHE B 143 28.74 16.47 -29.75
N LEU B 144 27.86 17.47 -29.84
CA LEU B 144 27.55 18.41 -28.77
C LEU B 144 26.78 17.74 -27.63
N VAL B 145 26.31 16.50 -27.82
CA VAL B 145 25.61 15.73 -26.81
C VAL B 145 26.61 15.31 -25.74
N ARG B 146 27.92 15.24 -26.06
CA ARG B 146 29.00 14.99 -25.11
C ARG B 146 28.97 16.02 -23.98
N PHE B 147 28.72 17.28 -24.32
CA PHE B 147 28.75 18.35 -23.35
C PHE B 147 27.67 18.16 -22.28
N ILE B 148 26.51 17.61 -22.65
CA ILE B 148 25.45 17.31 -21.70
C ILE B 148 25.90 16.17 -20.79
N SER B 149 26.09 16.48 -19.49
CA SER B 149 26.66 15.55 -18.52
C SER B 149 25.55 15.04 -17.61
N ARG B 150 25.81 14.03 -16.78
CA ARG B 150 24.82 13.51 -15.86
C ARG B 150 24.06 14.66 -15.20
N TYR B 151 24.77 15.75 -14.94
CA TYR B 151 24.18 16.93 -14.30
C TYR B 151 22.87 17.31 -14.98
N THR B 152 22.97 17.56 -16.29
CA THR B 152 21.85 18.01 -17.10
C THR B 152 20.93 16.86 -17.45
N GLN B 153 21.48 15.66 -17.67
CA GLN B 153 20.72 14.45 -17.95
C GLN B 153 19.78 14.10 -16.79
N GLU B 154 20.29 14.19 -15.55
CA GLU B 154 19.55 13.82 -14.36
C GLU B 154 18.51 14.89 -14.01
N ILE B 155 18.90 16.18 -14.08
CA ILE B 155 17.99 17.31 -13.90
C ILE B 155 16.79 17.16 -14.84
N PHE B 156 17.07 16.78 -16.11
CA PHE B 156 16.06 16.49 -17.11
C PHE B 156 15.24 15.27 -16.71
N SER B 157 15.91 14.13 -16.55
CA SER B 157 15.30 12.85 -16.25
C SER B 157 14.39 12.92 -15.01
N PHE B 158 14.81 13.71 -14.01
CA PHE B 158 14.04 13.91 -12.79
C PHE B 158 12.82 14.78 -13.03
N LEU B 159 13.01 15.93 -13.68
CA LEU B 159 11.93 16.85 -14.03
C LEU B 159 10.83 16.15 -14.84
N ILE B 160 11.21 15.34 -15.84
CA ILE B 160 10.29 14.62 -16.70
C ILE B 160 9.44 13.63 -15.90
N SER B 161 10.05 12.93 -14.92
CA SER B 161 9.39 12.00 -14.04
C SER B 161 8.42 12.70 -13.10
N LEU B 162 8.82 13.85 -12.56
CA LEU B 162 7.99 14.66 -11.66
C LEU B 162 6.72 15.11 -12.37
N ILE B 163 6.88 15.61 -13.61
CA ILE B 163 5.75 15.98 -14.47
C ILE B 163 4.81 14.80 -14.63
N PHE B 164 5.36 13.64 -15.02
CA PHE B 164 4.62 12.42 -15.24
C PHE B 164 3.79 12.02 -14.00
N ILE B 165 4.37 12.20 -12.80
CA ILE B 165 3.73 11.91 -11.52
C ILE B 165 2.70 13.00 -11.21
N TYR B 166 3.08 14.27 -11.42
CA TYR B 166 2.22 15.42 -11.15
C TYR B 166 0.95 15.36 -11.98
N GLU B 167 1.09 15.13 -13.30
CA GLU B 167 -0.01 15.10 -14.23
C GLU B 167 -0.99 13.99 -13.87
N THR B 168 -0.49 12.81 -13.53
CA THR B 168 -1.28 11.66 -13.10
C THR B 168 -2.24 12.03 -11.96
N PHE B 169 -1.74 12.72 -10.94
CA PHE B 169 -2.54 13.15 -9.79
C PHE B 169 -3.50 14.29 -10.17
N SER B 170 -3.10 15.12 -11.16
CA SER B 170 -3.95 16.18 -11.70
C SER B 170 -5.19 15.62 -12.39
N LYS B 171 -5.10 14.37 -12.91
CA LYS B 171 -6.22 13.71 -13.56
C LYS B 171 -7.18 13.12 -12.53
N LEU B 172 -6.62 12.52 -11.46
CA LEU B 172 -7.37 12.02 -10.32
C LEU B 172 -8.16 13.17 -9.68
N ILE B 173 -7.50 14.31 -9.42
CA ILE B 173 -8.11 15.50 -8.85
C ILE B 173 -9.23 16.01 -9.75
N LYS B 174 -9.01 15.97 -11.07
CA LYS B 174 -9.99 16.41 -12.06
C LYS B 174 -11.26 15.54 -11.98
N ILE B 175 -11.08 14.21 -11.87
CA ILE B 175 -12.16 13.26 -11.69
C ILE B 175 -12.98 13.60 -10.43
N PHE B 176 -12.31 13.91 -9.33
CA PHE B 176 -12.93 14.29 -8.07
C PHE B 176 -13.68 15.61 -8.18
N GLN B 177 -13.12 16.56 -8.95
CA GLN B 177 -13.75 17.85 -9.22
C GLN B 177 -14.96 17.69 -10.13
N ASP B 178 -14.87 16.76 -11.11
CA ASP B 178 -15.95 16.47 -12.04
C ASP B 178 -17.09 15.76 -11.34
N HIS B 179 -16.77 14.74 -10.54
CA HIS B 179 -17.72 13.91 -9.80
C HIS B 179 -17.51 14.06 -8.30
N PRO B 180 -17.87 15.21 -7.70
CA PRO B 180 -17.66 15.44 -6.28
C PRO B 180 -18.47 14.49 -5.40
N LEU B 181 -17.98 14.30 -4.16
CA LEU B 181 -18.65 13.54 -3.15
C LEU B 181 -19.71 14.43 -2.51
N GLN B 182 -20.94 14.37 -3.08
CA GLN B 182 -22.10 15.14 -2.63
C GLN B 182 -22.97 14.27 -1.73
N LYS B 183 -24.02 14.89 -1.18
CA LYS B 183 -25.02 14.23 -0.35
C LYS B 183 -26.10 13.61 -1.23
N THR B 184 -26.52 14.36 -2.27
CA THR B 184 -27.51 13.96 -3.26
C THR B 184 -26.95 14.18 -4.67
N TYR B 185 -27.42 13.37 -5.63
CA TYR B 185 -27.04 13.43 -7.04
C TYR B 185 -28.31 13.44 -7.91
N ASN B 186 -28.17 13.87 -9.17
CA ASN B 186 -29.22 13.84 -10.19
C ASN B 186 -28.95 12.66 -11.13
N TYR B 187 -29.96 11.79 -11.31
CA TYR B 187 -29.86 10.55 -12.07
C TYR B 187 -30.39 10.70 -13.50
N ASN B 188 -31.28 11.69 -13.71
CA ASN B 188 -31.74 12.09 -15.03
C ASN B 188 -30.65 12.93 -15.70
N VAL B 189 -29.57 12.25 -16.14
CA VAL B 189 -28.39 12.85 -16.74
C VAL B 189 -27.90 11.96 -17.89
N LEU B 190 -27.47 12.62 -18.99
CA LEU B 190 -27.00 11.94 -20.19
C LEU B 190 -25.51 11.60 -20.01
N MET B 191 -25.10 10.44 -20.56
CA MET B 191 -23.72 9.96 -20.51
C MET B 191 -23.29 9.44 -21.89
N VAL B 192 -23.78 10.07 -22.97
CA VAL B 192 -23.56 9.62 -24.34
C VAL B 192 -22.27 10.24 -24.88
N PRO B 193 -22.02 11.57 -24.72
CA PRO B 193 -20.68 12.13 -24.92
C PRO B 193 -19.82 11.82 -23.69
N LYS B 194 -20.28 12.33 -22.53
CA LYS B 194 -19.72 12.04 -21.22
C LYS B 194 -20.74 12.48 -20.16
N PRO B 195 -20.59 12.12 -18.86
CA PRO B 195 -21.54 12.57 -17.85
C PRO B 195 -21.65 14.09 -17.72
N GLN B 196 -22.88 14.60 -17.90
CA GLN B 196 -23.16 16.03 -17.89
C GLN B 196 -23.07 16.56 -16.46
N GLY B 197 -23.62 15.80 -15.49
CA GLY B 197 -23.59 16.16 -14.07
C GLY B 197 -22.57 15.34 -13.27
N PRO B 198 -22.55 15.50 -11.92
CA PRO B 198 -21.84 14.59 -11.02
C PRO B 198 -22.54 13.23 -10.90
N LEU B 199 -21.72 12.19 -10.65
CA LEU B 199 -22.18 10.80 -10.52
C LEU B 199 -21.67 10.22 -9.20
N PRO B 200 -22.46 9.37 -8.49
CA PRO B 200 -22.00 8.75 -7.24
C PRO B 200 -21.05 7.60 -7.49
N ASN B 201 -20.09 7.42 -6.55
CA ASN B 201 -19.18 6.27 -6.47
C ASN B 201 -18.16 6.27 -7.61
N THR B 202 -18.01 7.39 -8.35
CA THR B 202 -17.20 7.44 -9.57
C THR B 202 -15.77 7.83 -9.24
N ALA B 203 -15.64 8.91 -8.41
CA ALA B 203 -14.39 9.48 -8.01
C ALA B 203 -13.65 8.57 -7.03
N LEU B 204 -14.39 7.91 -6.12
CA LEU B 204 -13.77 7.06 -5.11
C LEU B 204 -13.32 5.74 -5.73
N LEU B 205 -14.13 5.19 -6.63
CA LEU B 205 -13.80 3.98 -7.37
C LEU B 205 -12.58 4.19 -8.26
N SER B 206 -12.49 5.39 -8.87
CA SER B 206 -11.36 5.82 -9.67
C SER B 206 -10.08 5.88 -8.85
N LEU B 207 -10.18 6.35 -7.60
CA LEU B 207 -9.07 6.37 -6.64
C LEU B 207 -8.70 4.95 -6.23
N VAL B 208 -9.70 4.08 -6.00
CA VAL B 208 -9.52 2.70 -5.59
C VAL B 208 -8.85 1.92 -6.71
N LEU B 209 -9.23 2.19 -7.97
CA LEU B 209 -8.67 1.52 -9.14
C LEU B 209 -7.23 1.98 -9.39
N MET B 210 -6.96 3.27 -9.18
CA MET B 210 -5.64 3.85 -9.37
C MET B 210 -4.67 3.38 -8.29
N ALA B 211 -5.09 3.48 -7.03
CA ALA B 211 -4.31 3.08 -5.87
C ALA B 211 -4.05 1.58 -5.91
N GLY B 212 -5.05 0.79 -6.27
CA GLY B 212 -4.96 -0.66 -6.37
C GLY B 212 -3.99 -1.14 -7.43
N THR B 213 -4.01 -0.51 -8.61
CA THR B 213 -3.14 -0.86 -9.74
C THR B 213 -1.68 -0.50 -9.45
N PHE B 214 -1.44 0.64 -8.80
CA PHE B 214 -0.10 1.06 -8.36
C PHE B 214 0.42 0.17 -7.23
N PHE B 215 -0.47 -0.30 -6.35
CA PHE B 215 -0.16 -1.22 -5.26
C PHE B 215 0.26 -2.57 -5.83
N PHE B 216 -0.59 -3.22 -6.63
CA PHE B 216 -0.35 -4.54 -7.20
C PHE B 216 0.92 -4.56 -8.03
N ALA B 217 1.16 -3.51 -8.82
CA ALA B 217 2.33 -3.38 -9.68
C ALA B 217 3.62 -3.31 -8.85
N MET B 218 3.59 -2.53 -7.75
CA MET B 218 4.73 -2.34 -6.88
C MET B 218 5.01 -3.59 -6.03
N MET B 219 3.97 -4.26 -5.54
CA MET B 219 4.09 -5.48 -4.74
C MET B 219 4.60 -6.65 -5.59
N LEU B 220 4.25 -6.68 -6.89
CA LEU B 220 4.73 -7.69 -7.81
C LEU B 220 6.17 -7.40 -8.26
N ARG B 221 6.60 -6.13 -8.20
CA ARG B 221 7.99 -5.73 -8.39
C ARG B 221 8.83 -6.12 -7.17
N LYS B 222 8.24 -5.96 -5.97
CA LYS B 222 8.83 -6.40 -4.71
C LYS B 222 8.93 -7.93 -4.67
N PHE B 223 7.92 -8.61 -5.25
CA PHE B 223 7.86 -10.07 -5.34
C PHE B 223 8.92 -10.62 -6.29
N LYS B 224 9.21 -9.88 -7.38
CA LYS B 224 10.14 -10.31 -8.42
C LYS B 224 11.50 -10.61 -7.81
N ASN B 225 12.01 -9.70 -6.95
CA ASN B 225 13.32 -9.83 -6.30
C ASN B 225 13.18 -10.26 -4.84
N SER B 226 12.17 -11.09 -4.56
CA SER B 226 11.94 -11.73 -3.26
C SER B 226 12.54 -13.14 -3.28
N SER B 227 12.27 -13.93 -2.22
CA SER B 227 12.76 -15.30 -2.06
C SER B 227 11.59 -16.27 -1.82
N TYR B 228 10.47 -16.04 -2.55
CA TYR B 228 9.24 -16.82 -2.47
C TYR B 228 8.98 -17.49 -3.82
N PHE B 229 8.44 -18.72 -3.78
CA PHE B 229 8.13 -19.55 -4.94
C PHE B 229 9.41 -19.97 -5.67
N PRO B 230 9.37 -21.01 -6.54
CA PRO B 230 10.54 -21.36 -7.36
C PRO B 230 11.00 -20.22 -8.26
N GLY B 231 12.29 -20.19 -8.58
CA GLY B 231 12.94 -19.10 -9.28
C GLY B 231 12.33 -18.78 -10.65
N LYS B 232 11.84 -19.82 -11.35
CA LYS B 232 11.19 -19.71 -12.65
C LYS B 232 9.88 -18.93 -12.50
N LEU B 233 9.00 -19.40 -11.60
CA LEU B 233 7.66 -18.86 -11.41
C LEU B 233 7.71 -17.45 -10.82
N ARG B 234 8.68 -17.16 -9.97
CA ARG B 234 8.86 -15.85 -9.34
C ARG B 234 9.22 -14.80 -10.38
N ARG B 235 10.09 -15.16 -11.34
CA ARG B 235 10.53 -14.28 -12.42
C ARG B 235 9.39 -14.05 -13.41
N VAL B 236 8.72 -15.12 -13.84
CA VAL B 236 7.63 -15.07 -14.83
C VAL B 236 6.50 -14.17 -14.33
N ILE B 237 6.07 -14.34 -13.07
CA ILE B 237 5.06 -13.50 -12.43
C ILE B 237 5.59 -12.08 -12.22
N GLY B 238 6.88 -11.95 -11.90
CA GLY B 238 7.55 -10.68 -11.69
C GLY B 238 7.70 -9.87 -12.99
N ASP B 239 8.06 -10.55 -14.10
CA ASP B 239 8.22 -9.95 -15.42
C ASP B 239 6.88 -9.45 -15.94
N PHE B 240 5.82 -10.26 -15.76
CA PHE B 240 4.44 -9.87 -16.06
C PHE B 240 3.80 -9.21 -14.84
N GLY B 241 4.47 -8.22 -14.26
CA GLY B 241 4.01 -7.57 -13.04
C GLY B 241 2.89 -6.57 -13.31
N VAL B 242 3.11 -5.70 -14.31
CA VAL B 242 2.12 -4.72 -14.76
C VAL B 242 0.95 -5.38 -15.46
N PRO B 243 1.13 -6.22 -16.51
CA PRO B 243 0.01 -6.85 -17.19
C PRO B 243 -0.96 -7.62 -16.28
N ILE B 244 -0.44 -8.24 -15.21
CA ILE B 244 -1.25 -8.90 -14.19
C ILE B 244 -2.00 -7.84 -13.40
N SER B 245 -1.33 -6.75 -13.00
CA SER B 245 -1.92 -5.65 -12.26
C SER B 245 -3.03 -4.97 -13.06
N ILE B 246 -2.89 -4.88 -14.39
CA ILE B 246 -3.89 -4.30 -15.27
C ILE B 246 -5.08 -5.25 -15.37
N LEU B 247 -4.84 -6.52 -15.73
CA LEU B 247 -5.88 -7.52 -15.92
C LEU B 247 -6.77 -7.64 -14.69
N ILE B 248 -6.17 -7.73 -13.49
CA ILE B 248 -6.85 -7.85 -12.21
C ILE B 248 -7.83 -6.69 -12.05
N MET B 249 -7.30 -5.45 -12.08
CA MET B 249 -8.04 -4.25 -11.74
C MET B 249 -9.02 -3.84 -12.84
N VAL B 250 -8.81 -4.32 -14.07
CA VAL B 250 -9.79 -4.21 -15.16
C VAL B 250 -10.96 -5.15 -14.90
N LEU B 251 -10.67 -6.38 -14.46
CA LEU B 251 -11.69 -7.38 -14.12
C LEU B 251 -12.48 -6.99 -12.86
N VAL B 252 -11.83 -6.27 -11.93
CA VAL B 252 -12.47 -5.68 -10.75
C VAL B 252 -13.57 -4.72 -11.20
N ASP B 253 -13.26 -3.85 -12.17
CA ASP B 253 -14.18 -2.85 -12.68
C ASP B 253 -15.28 -3.47 -13.55
N PHE B 254 -14.96 -4.61 -14.20
CA PHE B 254 -15.89 -5.32 -15.05
C PHE B 254 -17.09 -5.82 -14.23
N PHE B 255 -16.80 -6.34 -13.03
CA PHE B 255 -17.80 -6.88 -12.11
C PHE B 255 -18.63 -5.78 -11.44
N ILE B 256 -18.03 -4.59 -11.25
CA ILE B 256 -18.72 -3.40 -10.77
C ILE B 256 -19.39 -2.72 -11.95
N GLN B 257 -20.63 -3.19 -12.27
CA GLN B 257 -21.30 -2.87 -13.53
C GLN B 257 -22.19 -1.63 -13.41
N ASP B 258 -22.81 -1.39 -12.24
CA ASP B 258 -23.79 -0.33 -12.09
C ASP B 258 -23.08 1.04 -12.10
N THR B 259 -21.95 1.10 -11.38
CA THR B 259 -21.11 2.30 -11.26
C THR B 259 -20.42 2.61 -12.59
N TYR B 260 -20.20 3.92 -12.82
CA TYR B 260 -19.51 4.45 -13.99
C TYR B 260 -18.05 4.75 -13.68
N THR B 261 -17.17 4.41 -14.64
CA THR B 261 -15.75 4.77 -14.66
C THR B 261 -15.39 5.13 -16.09
N GLN B 262 -14.54 6.17 -16.25
CA GLN B 262 -14.13 6.68 -17.56
C GLN B 262 -13.17 5.68 -18.22
N LYS B 263 -13.53 5.21 -19.43
CA LYS B 263 -12.79 4.18 -20.16
C LYS B 263 -11.92 4.81 -21.24
N LEU B 264 -11.06 4.01 -21.90
CA LEU B 264 -10.29 4.42 -23.06
C LEU B 264 -11.19 4.48 -24.30
N SER B 265 -11.48 5.71 -24.76
CA SER B 265 -12.21 5.95 -26.00
C SER B 265 -11.22 6.16 -27.14
N VAL B 266 -11.39 5.39 -28.24
CA VAL B 266 -10.62 5.56 -29.47
C VAL B 266 -11.57 5.88 -30.63
N PRO B 267 -11.09 6.47 -31.76
CA PRO B 267 -11.93 6.67 -32.94
C PRO B 267 -12.52 5.37 -33.49
N ASP B 268 -13.65 5.50 -34.21
CA ASP B 268 -14.41 4.37 -34.71
C ASP B 268 -13.66 3.68 -35.84
N GLY B 269 -12.99 4.46 -36.70
CA GLY B 269 -12.24 3.93 -37.83
C GLY B 269 -10.99 4.76 -38.12
N PHE B 270 -10.29 4.39 -39.22
CA PHE B 270 -9.07 5.04 -39.67
C PHE B 270 -9.40 6.18 -40.62
N LYS B 271 -9.95 7.26 -40.04
CA LYS B 271 -10.36 8.47 -40.74
C LYS B 271 -9.89 9.67 -39.90
N VAL B 272 -9.53 10.77 -40.58
CA VAL B 272 -9.18 12.02 -39.94
C VAL B 272 -10.38 12.55 -39.12
N SER B 273 -10.10 13.25 -38.03
CA SER B 273 -11.08 13.70 -37.04
C SER B 273 -12.03 14.73 -37.65
N ASN B 274 -11.49 15.65 -38.45
CA ASN B 274 -12.32 16.68 -39.13
C ASN B 274 -12.12 16.55 -40.65
N SER B 275 -13.01 15.82 -41.32
CA SER B 275 -12.89 15.62 -42.79
C SER B 275 -13.12 16.95 -43.53
N SER B 276 -14.06 17.78 -43.03
CA SER B 276 -14.37 19.06 -43.72
C SER B 276 -13.14 19.97 -43.75
N ALA B 277 -12.40 20.05 -42.64
CA ALA B 277 -11.22 20.96 -42.58
C ALA B 277 -10.18 20.54 -43.63
N ARG B 278 -9.80 19.26 -43.65
CA ARG B 278 -8.73 18.81 -44.57
C ARG B 278 -8.79 17.29 -44.79
N GLY B 279 -8.08 16.80 -45.81
CA GLY B 279 -8.01 15.34 -46.06
C GLY B 279 -6.68 14.76 -45.59
N TRP B 280 -6.44 13.48 -45.87
CA TRP B 280 -5.18 12.81 -45.44
C TRP B 280 -3.96 13.61 -45.94
N VAL B 281 -3.75 13.63 -47.26
CA VAL B 281 -2.59 14.32 -47.82
C VAL B 281 -2.82 15.84 -47.80
N ILE B 282 -1.95 16.57 -47.09
CA ILE B 282 -1.96 18.02 -47.01
C ILE B 282 -1.17 18.59 -48.17
N HIS B 283 -1.72 19.63 -48.84
CA HIS B 283 -1.08 20.29 -49.97
C HIS B 283 -0.15 21.40 -49.48
N PRO B 284 1.12 21.45 -49.93
CA PRO B 284 2.02 22.54 -49.56
C PRO B 284 1.52 23.93 -49.89
N LEU B 285 1.02 24.14 -51.11
CA LEU B 285 0.67 25.45 -51.63
C LEU B 285 -0.64 25.98 -51.05
N GLY B 286 -1.50 25.09 -50.50
CA GLY B 286 -2.67 25.49 -49.73
C GLY B 286 -3.84 24.53 -49.96
N LEU B 287 -4.84 24.55 -49.04
CA LEU B 287 -6.03 23.73 -49.12
C LEU B 287 -7.18 24.52 -49.75
N ARG B 288 -7.59 25.60 -49.08
CA ARG B 288 -8.68 26.48 -49.52
C ARG B 288 -8.10 27.80 -50.04
N SER B 289 -7.42 28.55 -49.16
CA SER B 289 -6.75 29.80 -49.48
C SER B 289 -5.31 29.55 -49.93
N GLU B 290 -4.80 30.43 -50.79
CA GLU B 290 -3.44 30.33 -51.33
C GLU B 290 -2.44 30.69 -50.23
N PHE B 291 -1.59 29.72 -49.84
CA PHE B 291 -0.72 29.81 -48.68
C PHE B 291 0.40 30.81 -48.97
N PRO B 292 0.72 31.74 -48.03
CA PRO B 292 1.69 32.80 -48.32
C PRO B 292 3.11 32.25 -48.46
N ILE B 293 3.93 32.96 -49.28
CA ILE B 293 5.31 32.57 -49.53
C ILE B 293 6.24 33.16 -48.47
N TRP B 294 5.77 34.20 -47.74
CA TRP B 294 6.51 34.75 -46.62
C TRP B 294 6.58 33.77 -45.46
N MET B 295 5.48 33.05 -45.18
CA MET B 295 5.42 32.02 -44.15
C MET B 295 6.13 30.74 -44.61
N MET B 296 6.17 30.51 -45.93
CA MET B 296 6.82 29.35 -46.54
C MET B 296 8.32 29.36 -46.24
N PHE B 297 8.94 30.56 -46.09
CA PHE B 297 10.34 30.74 -45.74
C PHE B 297 10.48 30.99 -44.24
N ALA B 298 9.56 31.72 -43.62
CA ALA B 298 9.58 32.05 -42.20
C ALA B 298 9.26 30.85 -41.30
N SER B 299 8.76 29.77 -41.91
CA SER B 299 8.57 28.45 -41.28
C SER B 299 9.88 27.89 -40.71
N ALA B 300 11.03 28.43 -41.12
CA ALA B 300 12.35 28.08 -40.62
C ALA B 300 12.45 28.34 -39.12
N LEU B 301 11.90 29.44 -38.62
CA LEU B 301 12.14 29.91 -37.26
C LEU B 301 11.41 29.02 -36.26
N PRO B 302 10.11 28.67 -36.44
CA PRO B 302 9.48 27.65 -35.62
C PRO B 302 10.09 26.25 -35.76
N ALA B 303 10.53 25.88 -36.97
CA ALA B 303 11.16 24.59 -37.26
C ALA B 303 12.48 24.40 -36.51
N LEU B 304 13.22 25.49 -36.33
CA LEU B 304 14.43 25.53 -35.52
C LEU B 304 14.12 25.24 -34.05
N LEU B 305 13.00 25.78 -33.56
CA LEU B 305 12.52 25.57 -32.20
C LEU B 305 12.07 24.13 -31.99
N VAL B 306 11.34 23.57 -32.96
CA VAL B 306 10.85 22.19 -32.94
C VAL B 306 12.01 21.18 -33.02
N PHE B 307 13.05 21.55 -33.79
CA PHE B 307 14.25 20.74 -33.91
C PHE B 307 14.95 20.65 -32.56
N ILE B 308 15.14 21.80 -31.90
CA ILE B 308 15.77 21.89 -30.58
C ILE B 308 14.94 21.12 -29.54
N LEU B 309 13.61 21.17 -29.64
CA LEU B 309 12.72 20.40 -28.78
C LEU B 309 12.94 18.91 -28.99
N ILE B 310 12.89 18.43 -30.26
CA ILE B 310 12.97 17.00 -30.59
C ILE B 310 14.40 16.49 -30.35
N PHE B 311 15.42 17.30 -30.68
CA PHE B 311 16.82 16.97 -30.45
C PHE B 311 17.07 16.71 -28.97
N LEU B 312 16.89 17.70 -28.12
CA LEU B 312 17.20 17.60 -26.70
C LEU B 312 16.39 16.50 -26.01
N GLU B 313 15.09 16.47 -26.25
CA GLU B 313 14.21 15.41 -25.76
C GLU B 313 14.75 14.02 -26.11
N SER B 314 15.09 13.80 -27.39
CA SER B 314 15.47 12.50 -27.94
C SER B 314 16.90 12.14 -27.60
N GLN B 315 17.83 13.10 -27.75
CA GLN B 315 19.25 12.85 -27.59
C GLN B 315 19.61 12.69 -26.11
N ILE B 316 18.97 13.45 -25.21
CA ILE B 316 19.15 13.28 -23.78
C ILE B 316 18.52 11.97 -23.30
N THR B 317 17.40 11.58 -23.90
CA THR B 317 16.78 10.29 -23.64
C THR B 317 17.68 9.11 -24.08
N THR B 318 18.39 9.29 -25.20
CA THR B 318 19.33 8.30 -25.72
C THR B 318 20.50 8.10 -24.75
N LEU B 319 21.03 9.20 -24.19
CA LEU B 319 22.07 9.20 -23.17
C LEU B 319 21.59 8.35 -21.98
N ILE B 320 20.42 8.72 -21.43
CA ILE B 320 19.85 8.12 -20.25
C ILE B 320 19.69 6.62 -20.47
N VAL B 321 19.19 6.22 -21.64
CA VAL B 321 18.90 4.82 -21.98
C VAL B 321 20.20 4.04 -22.25
N SER B 322 21.17 4.68 -22.94
CA SER B 322 22.44 4.08 -23.28
C SER B 322 23.55 4.57 -22.35
N LYS B 323 23.29 4.54 -21.03
CA LYS B 323 24.27 4.87 -20.00
C LYS B 323 25.21 3.65 -19.84
N PRO B 324 26.46 3.84 -19.34
CA PRO B 324 27.34 2.71 -19.09
C PRO B 324 26.82 1.75 -18.03
N GLU B 325 26.26 2.28 -16.92
CA GLU B 325 25.78 1.49 -15.80
C GLU B 325 24.67 0.52 -16.22
N ARG B 326 23.80 0.94 -17.15
CA ARG B 326 22.84 0.05 -17.80
C ARG B 326 23.58 -0.85 -18.80
N LYS B 327 23.49 -2.17 -18.63
CA LYS B 327 24.32 -3.10 -19.39
C LYS B 327 23.76 -3.29 -20.80
N MET B 328 24.04 -2.30 -21.67
CA MET B 328 23.62 -2.28 -23.06
C MET B 328 24.85 -2.38 -23.96
N VAL B 329 24.98 -3.51 -24.69
CA VAL B 329 26.19 -3.92 -25.37
C VAL B 329 26.08 -3.78 -26.90
N LYS B 330 24.85 -3.71 -27.44
CA LYS B 330 24.61 -3.80 -28.88
C LYS B 330 24.98 -2.47 -29.55
N GLY B 331 25.03 -1.36 -28.77
CA GLY B 331 25.52 -0.06 -29.22
C GLY B 331 24.37 0.90 -29.55
N SER B 332 24.58 2.18 -29.24
CA SER B 332 23.61 3.25 -29.43
C SER B 332 24.15 4.24 -30.47
N GLY B 333 23.27 4.63 -31.40
CA GLY B 333 23.59 5.61 -32.43
C GLY B 333 22.76 6.88 -32.30
N PHE B 334 23.42 8.02 -32.08
CA PHE B 334 22.81 9.31 -31.82
C PHE B 334 22.53 10.09 -33.13
N HIS B 335 23.20 9.73 -34.22
CA HIS B 335 23.04 10.36 -35.52
C HIS B 335 21.92 9.71 -36.33
N LEU B 336 21.84 8.37 -36.36
CA LEU B 336 20.86 7.66 -37.18
C LEU B 336 19.46 7.78 -36.55
N ASP B 337 19.38 7.76 -35.20
CA ASP B 337 18.13 7.95 -34.49
C ASP B 337 17.57 9.36 -34.70
N LEU B 338 18.42 10.39 -34.57
CA LEU B 338 18.05 11.77 -34.78
C LEU B 338 17.59 12.02 -36.19
N LEU B 339 18.23 11.36 -37.16
CA LEU B 339 17.91 11.45 -38.59
C LEU B 339 16.53 10.87 -38.87
N LEU B 340 16.24 9.70 -38.32
CA LEU B 340 14.96 9.02 -38.50
C LEU B 340 13.84 9.79 -37.77
N VAL B 341 13.99 10.03 -36.47
CA VAL B 341 12.96 10.61 -35.64
C VAL B 341 12.47 11.93 -36.25
N VAL B 342 13.39 12.84 -36.62
CA VAL B 342 13.06 14.14 -37.19
C VAL B 342 12.68 13.99 -38.68
N GLY B 343 13.43 13.20 -39.40
CA GLY B 343 13.16 12.98 -40.80
C GLY B 343 11.78 12.40 -41.08
N MET B 344 11.37 11.37 -40.33
CA MET B 344 10.06 10.77 -40.40
C MET B 344 8.98 11.79 -40.02
N GLY B 345 9.23 12.50 -38.91
CA GLY B 345 8.36 13.55 -38.41
C GLY B 345 8.13 14.65 -39.44
N GLY B 346 9.16 14.99 -40.22
CA GLY B 346 9.05 15.96 -41.28
C GLY B 346 8.19 15.46 -42.45
N VAL B 347 8.35 14.19 -42.83
CA VAL B 347 7.53 13.56 -43.85
C VAL B 347 6.11 13.29 -43.32
N ALA B 348 5.98 13.05 -42.02
CA ALA B 348 4.69 12.86 -41.34
C ALA B 348 3.85 14.12 -41.37
N ALA B 349 4.49 15.28 -41.37
CA ALA B 349 3.85 16.59 -41.47
C ALA B 349 3.08 16.72 -42.78
N LEU B 350 3.58 16.08 -43.85
CA LEU B 350 3.01 16.15 -45.19
C LEU B 350 1.62 15.51 -45.20
N PHE B 351 1.42 14.46 -44.40
CA PHE B 351 0.15 13.74 -44.28
C PHE B 351 -0.67 14.23 -43.09
N GLY B 352 -0.36 15.41 -42.57
CA GLY B 352 -1.04 16.00 -41.43
C GLY B 352 -1.02 15.14 -40.18
N MET B 353 0.07 14.40 -39.99
CA MET B 353 0.31 13.58 -38.81
C MET B 353 1.41 14.24 -37.96
N PRO B 354 1.35 14.18 -36.61
CA PRO B 354 2.33 14.91 -35.79
C PRO B 354 3.73 14.32 -35.63
N TRP B 355 4.76 15.14 -35.84
CA TRP B 355 6.14 14.75 -35.61
C TRP B 355 6.30 14.35 -34.14
N LEU B 356 7.10 13.30 -33.94
CA LEU B 356 7.26 12.77 -32.57
C LEU B 356 8.71 12.90 -32.11
N SER B 357 8.97 12.42 -30.90
CA SER B 357 10.30 12.41 -30.29
C SER B 357 10.46 11.18 -29.43
N ALA B 358 11.72 10.73 -29.21
CA ALA B 358 12.03 9.64 -28.31
C ALA B 358 11.80 10.07 -26.87
N THR B 359 10.60 9.76 -26.35
CA THR B 359 10.12 10.19 -25.05
C THR B 359 10.88 9.48 -23.93
N THR B 360 11.18 10.21 -22.85
CA THR B 360 12.13 9.79 -21.81
C THR B 360 11.57 8.65 -20.98
N VAL B 361 10.37 8.84 -20.38
CA VAL B 361 9.79 7.85 -19.47
C VAL B 361 9.47 6.56 -20.23
N ARG B 362 8.76 6.67 -21.37
CA ARG B 362 8.39 5.52 -22.17
C ARG B 362 9.61 4.75 -22.70
N SER B 363 10.72 5.45 -22.97
CA SER B 363 11.98 4.85 -23.37
C SER B 363 12.64 4.15 -22.20
N VAL B 364 12.71 4.84 -21.07
CA VAL B 364 13.28 4.35 -19.82
C VAL B 364 12.50 3.14 -19.38
N THR B 365 11.16 3.26 -19.38
CA THR B 365 10.23 2.22 -18.97
C THR B 365 10.43 0.94 -19.80
N HIS B 366 10.57 1.12 -21.11
CA HIS B 366 10.78 0.03 -22.06
C HIS B 366 12.14 -0.63 -21.86
N ALA B 367 13.18 0.16 -21.56
CA ALA B 367 14.50 -0.34 -21.23
C ALA B 367 14.47 -1.12 -19.91
N ASN B 368 13.85 -0.52 -18.87
CA ASN B 368 13.71 -1.09 -17.56
C ASN B 368 12.92 -2.40 -17.61
N ALA B 369 11.93 -2.48 -18.50
CA ALA B 369 11.10 -3.66 -18.68
C ALA B 369 11.91 -4.84 -19.22
N LEU B 370 12.78 -4.56 -20.20
CA LEU B 370 13.60 -5.57 -20.86
C LEU B 370 14.88 -5.87 -20.09
N THR B 371 15.23 -5.05 -19.09
CA THR B 371 16.37 -5.25 -18.20
C THR B 371 16.09 -6.38 -17.21
N VAL B 372 16.96 -7.41 -17.20
CA VAL B 372 16.87 -8.55 -16.28
C VAL B 372 17.76 -8.29 -15.07
N MET B 373 17.35 -8.81 -13.89
CA MET B 373 18.05 -8.63 -12.63
C MET B 373 18.78 -9.93 -12.24
N GLY B 374 20.03 -9.79 -11.78
CA GLY B 374 20.82 -10.88 -11.22
C GLY B 374 20.96 -10.75 -9.71
N LYS B 375 21.15 -11.89 -9.03
CA LYS B 375 21.14 -12.03 -7.57
C LYS B 375 19.77 -11.63 -7.02
N ALA B 383 21.43 -6.11 -5.55
CA ALA B 383 20.71 -6.03 -6.84
C ALA B 383 21.59 -5.37 -7.90
N GLN B 384 22.13 -6.19 -8.81
CA GLN B 384 22.99 -5.78 -9.93
C GLN B 384 22.31 -6.14 -11.25
N ILE B 385 22.55 -5.32 -12.29
CA ILE B 385 22.01 -5.51 -13.64
C ILE B 385 22.86 -6.55 -14.36
N GLN B 386 22.25 -7.71 -14.69
CA GLN B 386 22.91 -8.80 -15.37
C GLN B 386 23.13 -8.43 -16.85
N GLU B 387 22.02 -8.18 -17.56
CA GLU B 387 22.01 -7.77 -18.95
C GLU B 387 20.71 -7.04 -19.27
N VAL B 388 20.55 -6.61 -20.53
CA VAL B 388 19.32 -6.04 -21.08
C VAL B 388 18.98 -6.81 -22.35
N LYS B 389 17.68 -7.13 -22.53
CA LYS B 389 17.18 -7.80 -23.73
C LYS B 389 16.96 -6.78 -24.83
N GLU B 390 18.06 -6.34 -25.47
CA GLU B 390 18.04 -5.33 -26.50
C GLU B 390 17.68 -5.99 -27.83
N GLN B 391 16.53 -5.60 -28.40
CA GLN B 391 16.01 -6.15 -29.64
C GLN B 391 14.94 -5.22 -30.20
N ARG B 392 14.53 -5.46 -31.46
CA ARG B 392 13.66 -4.59 -32.23
C ARG B 392 12.20 -5.02 -32.17
N ILE B 393 11.93 -6.25 -31.71
CA ILE B 393 10.61 -6.88 -31.78
C ILE B 393 9.64 -6.25 -30.77
N SER B 394 10.13 -5.85 -29.60
CA SER B 394 9.36 -5.19 -28.56
C SER B 394 8.81 -3.85 -29.06
N GLY B 395 9.69 -2.99 -29.57
CA GLY B 395 9.32 -1.69 -30.08
C GLY B 395 8.46 -1.75 -31.33
N LEU B 396 8.62 -2.81 -32.13
CA LEU B 396 7.83 -3.04 -33.33
C LEU B 396 6.41 -3.41 -32.97
N LEU B 397 6.26 -4.39 -32.07
CA LEU B 397 4.96 -4.95 -31.72
C LEU B 397 4.11 -3.91 -31.02
N VAL B 398 4.71 -3.06 -30.17
CA VAL B 398 4.03 -1.98 -29.48
C VAL B 398 3.44 -1.03 -30.50
N ALA B 399 4.26 -0.61 -31.48
CA ALA B 399 3.86 0.32 -32.53
C ALA B 399 2.70 -0.26 -33.36
N VAL B 400 2.80 -1.54 -33.75
CA VAL B 400 1.76 -2.24 -34.50
C VAL B 400 0.47 -2.33 -33.68
N LEU B 401 0.56 -2.68 -32.40
CA LEU B 401 -0.58 -2.73 -31.47
C LEU B 401 -1.23 -1.34 -31.31
N VAL B 402 -0.41 -0.27 -31.25
CA VAL B 402 -0.89 1.11 -31.22
C VAL B 402 -1.61 1.44 -32.52
N GLY B 403 -1.12 0.91 -33.62
CA GLY B 403 -1.78 1.06 -34.91
C GLY B 403 -3.11 0.33 -34.99
N LEU B 404 -3.23 -0.82 -34.33
CA LEU B 404 -4.43 -1.66 -34.35
C LEU B 404 -5.36 -1.36 -33.16
N SER B 405 -5.03 -0.34 -32.35
CA SER B 405 -5.84 0.11 -31.23
C SER B 405 -7.23 0.54 -31.68
N ILE B 406 -7.33 1.16 -32.87
CA ILE B 406 -8.58 1.64 -33.44
C ILE B 406 -9.52 0.48 -33.75
N LEU B 407 -8.96 -0.68 -34.12
CA LEU B 407 -9.79 -1.87 -34.44
C LEU B 407 -10.05 -2.69 -33.17
N MET B 408 -9.12 -2.66 -32.21
CA MET B 408 -9.27 -3.45 -30.96
C MET B 408 -10.10 -2.64 -29.94
N GLU B 409 -11.08 -1.88 -30.41
CA GLU B 409 -11.95 -1.06 -29.52
C GLU B 409 -12.65 -1.94 -28.47
N PRO B 410 -13.34 -3.06 -28.81
CA PRO B 410 -14.09 -3.85 -27.82
C PRO B 410 -13.29 -4.18 -26.54
N ILE B 411 -12.00 -4.49 -26.68
CA ILE B 411 -11.14 -4.81 -25.51
C ILE B 411 -10.78 -3.52 -24.77
N LEU B 412 -10.31 -2.51 -25.50
CA LEU B 412 -9.89 -1.24 -24.89
C LEU B 412 -11.02 -0.52 -24.17
N SER B 413 -12.26 -0.66 -24.68
CA SER B 413 -13.45 -0.02 -24.13
C SER B 413 -13.79 -0.50 -22.70
N ARG B 414 -13.28 -1.68 -22.32
CA ARG B 414 -13.58 -2.24 -20.98
C ARG B 414 -12.47 -1.84 -19.99
N ILE B 415 -11.36 -1.30 -20.50
CA ILE B 415 -10.22 -0.90 -19.63
C ILE B 415 -10.42 0.53 -19.13
N PRO B 416 -10.51 0.79 -17.81
CA PRO B 416 -10.64 2.14 -17.27
C PRO B 416 -9.39 2.99 -17.46
N LEU B 417 -9.56 4.31 -17.34
CA LEU B 417 -8.43 5.24 -17.32
C LEU B 417 -7.79 5.22 -15.94
N ALA B 418 -8.61 5.04 -14.90
CA ALA B 418 -8.19 5.00 -13.51
C ALA B 418 -7.05 4.00 -13.31
N VAL B 419 -7.14 2.81 -13.92
CA VAL B 419 -6.13 1.76 -13.78
C VAL B 419 -4.82 2.16 -14.49
N LEU B 420 -4.93 2.73 -15.68
CA LEU B 420 -3.79 3.14 -16.50
C LEU B 420 -3.11 4.39 -15.90
N PHE B 421 -3.83 5.17 -15.07
CA PHE B 421 -3.25 6.24 -14.28
C PHE B 421 -2.42 5.65 -13.14
N GLY B 422 -2.87 4.52 -12.58
CA GLY B 422 -2.12 3.74 -11.62
C GLY B 422 -0.80 3.18 -12.18
N ILE B 423 -0.80 2.89 -13.49
CA ILE B 423 0.38 2.42 -14.22
C ILE B 423 1.33 3.59 -14.51
N PHE B 424 0.77 4.78 -14.78
CA PHE B 424 1.57 5.98 -15.00
C PHE B 424 2.33 6.36 -13.74
N LEU B 425 1.68 6.22 -12.58
CA LEU B 425 2.29 6.48 -11.28
C LEU B 425 3.43 5.48 -11.02
N TYR B 426 3.24 4.23 -11.44
CA TYR B 426 4.25 3.19 -11.36
C TYR B 426 5.43 3.50 -12.29
N MET B 427 5.15 3.95 -13.51
CA MET B 427 6.18 4.39 -14.46
C MET B 427 6.93 5.63 -13.96
N GLY B 428 6.20 6.54 -13.33
CA GLY B 428 6.77 7.76 -12.79
C GLY B 428 7.79 7.52 -11.68
N VAL B 429 7.44 6.64 -10.70
CA VAL B 429 8.26 6.33 -9.56
C VAL B 429 9.47 5.48 -9.97
N THR B 430 9.24 4.49 -10.84
CA THR B 430 10.25 3.56 -11.32
C THR B 430 11.32 4.25 -12.16
N SER B 431 10.94 5.34 -12.84
CA SER B 431 11.81 6.14 -13.69
C SER B 431 12.92 6.81 -12.90
N LEU B 432 12.70 7.07 -11.59
CA LEU B 432 13.64 7.76 -10.72
C LEU B 432 14.76 6.83 -10.22
N SER B 433 14.60 5.51 -10.44
CA SER B 433 15.44 4.47 -9.87
C SER B 433 16.93 4.74 -10.10
N GLY B 434 17.34 4.86 -11.36
CA GLY B 434 18.75 5.04 -11.69
C GLY B 434 19.12 6.49 -12.00
N ILE B 435 18.81 7.37 -11.04
CA ILE B 435 19.13 8.80 -11.10
C ILE B 435 19.83 9.16 -9.79
N GLN B 436 21.12 9.53 -9.86
CA GLN B 436 21.96 9.84 -8.70
C GLN B 436 21.48 11.12 -8.01
N LEU B 437 20.83 12.03 -8.74
CA LEU B 437 20.18 13.22 -8.18
C LEU B 437 19.16 12.78 -7.15
N PHE B 438 18.21 11.91 -7.56
CA PHE B 438 17.15 11.37 -6.72
C PHE B 438 17.77 10.67 -5.51
N ASP B 439 18.87 9.92 -5.70
CA ASP B 439 19.58 9.23 -4.64
C ASP B 439 20.10 10.21 -3.61
N ARG B 440 20.61 11.37 -4.07
CA ARG B 440 21.12 12.42 -3.19
C ARG B 440 20.01 13.23 -2.53
N ILE B 441 18.79 13.22 -3.11
CA ILE B 441 17.62 13.86 -2.50
C ILE B 441 17.24 13.07 -1.25
N LEU B 442 17.39 11.74 -1.28
CA LEU B 442 17.11 10.88 -0.15
C LEU B 442 18.16 11.07 0.95
N LEU B 443 19.43 11.25 0.57
CA LEU B 443 20.54 11.40 1.51
C LEU B 443 20.46 12.71 2.31
N LEU B 444 19.75 13.72 1.80
CA LEU B 444 19.48 14.96 2.52
C LEU B 444 18.70 14.67 3.81
N PHE B 445 17.79 13.69 3.78
CA PHE B 445 16.92 13.32 4.88
C PHE B 445 17.60 12.30 5.79
N LYS B 446 18.35 11.35 5.20
CA LYS B 446 19.07 10.32 5.94
C LYS B 446 20.22 10.95 6.73
N PRO B 447 20.57 10.41 7.93
CA PRO B 447 21.76 10.89 8.66
C PRO B 447 23.05 10.58 7.92
N PRO B 448 24.18 11.26 8.27
CA PRO B 448 25.43 11.11 7.55
C PRO B 448 26.13 9.77 7.73
N LYS B 449 25.92 9.11 8.89
CA LYS B 449 26.47 7.81 9.20
C LYS B 449 25.84 6.72 8.32
N TYR B 450 24.51 6.84 8.08
CA TYR B 450 23.76 5.93 7.23
C TYR B 450 23.69 6.48 5.80
N HIS B 451 24.87 6.58 5.15
CA HIS B 451 24.99 6.91 3.73
C HIS B 451 25.41 5.65 2.96
N PRO B 452 25.11 5.59 1.63
CA PRO B 452 25.33 4.37 0.85
C PRO B 452 26.78 3.94 0.65
N ASP B 453 27.72 4.81 1.02
CA ASP B 453 29.18 4.53 0.91
C ASP B 453 29.58 4.53 -0.57
N VAL B 454 28.94 5.38 -1.38
CA VAL B 454 29.30 5.52 -2.82
C VAL B 454 30.52 6.45 -2.92
N PRO B 455 31.31 6.43 -4.03
CA PRO B 455 32.54 7.23 -4.12
C PRO B 455 32.38 8.69 -3.66
N TYR B 456 31.39 9.42 -4.19
CA TYR B 456 31.24 10.86 -3.85
C TYR B 456 30.85 11.04 -2.38
N VAL B 457 30.15 10.08 -1.78
CA VAL B 457 29.80 10.16 -0.32
C VAL B 457 31.08 10.19 0.51
N LYS B 458 32.09 9.39 0.15
CA LYS B 458 33.33 9.30 0.96
C LYS B 458 34.35 10.36 0.52
N ARG B 459 34.31 10.81 -0.73
CA ARG B 459 35.31 11.73 -1.23
C ARG B 459 34.88 13.19 -1.00
N VAL B 460 33.62 13.51 -1.33
CA VAL B 460 33.05 14.84 -1.10
C VAL B 460 32.53 14.90 0.34
N LYS B 461 32.63 16.10 0.96
CA LYS B 461 32.19 16.32 2.34
C LYS B 461 30.66 16.42 2.33
N THR B 462 30.02 15.94 3.41
CA THR B 462 28.57 15.77 3.48
C THR B 462 27.84 17.10 3.19
N TRP B 463 28.38 18.20 3.74
CA TRP B 463 27.81 19.53 3.59
C TRP B 463 27.98 20.05 2.16
N ARG B 464 29.09 19.66 1.49
CA ARG B 464 29.39 20.04 0.12
C ARG B 464 28.50 19.27 -0.86
N MET B 465 28.27 17.97 -0.61
CA MET B 465 27.42 17.13 -1.43
C MET B 465 25.98 17.65 -1.38
N HIS B 466 25.50 18.02 -0.17
CA HIS B 466 24.17 18.55 0.02
C HIS B 466 24.04 19.93 -0.63
N LEU B 467 25.12 20.70 -0.65
CA LEU B 467 25.18 22.00 -1.34
C LEU B 467 25.07 21.79 -2.86
N PHE B 468 25.71 20.73 -3.39
CA PHE B 468 25.65 20.38 -4.79
C PHE B 468 24.23 19.98 -5.17
N THR B 469 23.64 19.10 -4.36
CA THR B 469 22.26 18.64 -4.51
C THR B 469 21.28 19.81 -4.39
N GLY B 470 21.56 20.75 -3.49
CA GLY B 470 20.78 21.94 -3.31
C GLY B 470 20.66 22.80 -4.56
N ILE B 471 21.76 22.99 -5.29
CA ILE B 471 21.83 23.79 -6.51
C ILE B 471 21.02 23.13 -7.64
N GLN B 472 20.97 21.79 -7.67
CA GLN B 472 20.19 21.05 -8.65
C GLN B 472 18.68 21.12 -8.36
N ILE B 473 18.28 21.32 -7.10
CA ILE B 473 16.90 21.60 -6.74
C ILE B 473 16.50 23.02 -7.17
N ILE B 474 17.43 23.99 -7.00
CA ILE B 474 17.25 25.36 -7.46
C ILE B 474 16.98 25.37 -8.97
N CYS B 475 17.73 24.54 -9.73
CA CYS B 475 17.55 24.37 -11.16
C CYS B 475 16.20 23.74 -11.50
N LEU B 476 15.85 22.64 -10.80
CA LEU B 476 14.57 21.98 -10.95
C LEU B 476 13.43 22.94 -10.68
N ALA B 477 13.57 23.74 -9.62
CA ALA B 477 12.58 24.74 -9.20
C ALA B 477 12.38 25.79 -10.30
N VAL B 478 13.49 26.34 -10.82
CA VAL B 478 13.48 27.32 -11.89
C VAL B 478 12.84 26.76 -13.17
N LEU B 479 13.19 25.53 -13.52
CA LEU B 479 12.61 24.83 -14.67
C LEU B 479 11.10 24.61 -14.51
N TRP B 480 10.65 24.28 -13.29
CA TRP B 480 9.24 24.07 -13.00
C TRP B 480 8.45 25.38 -13.03
N VAL B 481 9.13 26.50 -12.66
CA VAL B 481 8.55 27.83 -12.72
C VAL B 481 8.39 28.26 -14.17
N VAL B 482 9.44 28.06 -14.98
CA VAL B 482 9.44 28.36 -16.41
C VAL B 482 8.38 27.56 -17.13
N LYS B 483 8.19 26.30 -16.73
CA LYS B 483 7.15 25.42 -17.25
C LYS B 483 5.75 25.95 -16.93
N SER B 484 5.53 26.40 -15.68
CA SER B 484 4.26 26.92 -15.19
C SER B 484 3.83 28.19 -15.92
N THR B 485 4.79 29.08 -16.19
CA THR B 485 4.56 30.35 -16.89
C THR B 485 4.20 30.10 -18.36
N PRO B 486 3.59 31.09 -19.06
CA PRO B 486 3.29 30.99 -20.49
C PRO B 486 4.47 30.61 -21.39
N ALA B 487 5.69 31.08 -21.03
CA ALA B 487 6.91 30.78 -21.76
C ALA B 487 7.38 29.37 -21.45
N SER B 488 6.68 28.36 -22.00
CA SER B 488 6.96 26.95 -21.80
C SER B 488 7.85 26.38 -22.90
N LEU B 489 7.87 27.06 -24.06
CA LEU B 489 8.75 26.75 -25.20
C LEU B 489 10.17 27.26 -24.94
N ALA B 490 10.37 28.05 -23.88
CA ALA B 490 11.65 28.54 -23.41
C ALA B 490 12.33 27.54 -22.48
N LEU B 491 11.60 26.52 -22.00
CA LEU B 491 12.08 25.51 -21.06
C LEU B 491 13.31 24.78 -21.58
N PRO B 492 13.35 24.33 -22.87
CA PRO B 492 14.50 23.61 -23.39
C PRO B 492 15.78 24.44 -23.36
N PHE B 493 15.65 25.76 -23.56
CA PHE B 493 16.76 26.70 -23.58
C PHE B 493 17.24 27.02 -22.16
N VAL B 494 16.38 26.84 -21.15
CA VAL B 494 16.74 26.95 -19.74
C VAL B 494 17.52 25.72 -19.30
N LEU B 495 17.14 24.54 -19.83
CA LEU B 495 17.85 23.28 -19.58
C LEU B 495 19.22 23.31 -20.23
N ILE B 496 19.37 24.00 -21.37
CA ILE B 496 20.64 24.22 -22.04
C ILE B 496 21.61 24.96 -21.13
N LEU B 497 21.10 25.90 -20.30
CA LEU B 497 21.92 26.69 -19.38
C LEU B 497 22.46 25.84 -18.21
N THR B 498 21.89 24.65 -17.99
CA THR B 498 22.36 23.70 -17.00
C THR B 498 23.76 23.19 -17.34
N VAL B 499 24.15 23.19 -18.62
CA VAL B 499 25.47 22.73 -19.07
C VAL B 499 26.53 23.80 -18.80
N PRO B 500 26.34 25.08 -19.17
CA PRO B 500 27.20 26.16 -18.67
C PRO B 500 27.43 26.15 -17.16
N LEU B 501 26.36 25.96 -16.36
CA LEU B 501 26.41 25.93 -14.91
C LEU B 501 27.53 24.99 -14.44
N ARG B 502 27.49 23.71 -14.83
CA ARG B 502 28.46 22.71 -14.46
C ARG B 502 29.83 23.01 -15.06
N ARG B 503 29.86 23.75 -16.17
CA ARG B 503 31.08 24.00 -16.94
C ARG B 503 31.84 25.22 -16.44
N VAL B 504 31.13 26.30 -16.04
CA VAL B 504 31.78 27.56 -15.67
C VAL B 504 31.44 27.99 -14.23
N LEU B 505 30.18 27.86 -13.78
CA LEU B 505 29.74 28.38 -12.50
C LEU B 505 30.20 27.48 -11.34
N LEU B 506 30.02 26.16 -11.44
CA LEU B 506 30.32 25.22 -10.35
C LEU B 506 31.83 25.17 -10.08
N PRO B 507 32.73 25.11 -11.09
CA PRO B 507 34.17 25.13 -10.84
C PRO B 507 34.71 26.27 -9.97
N LEU B 508 33.94 27.36 -9.82
CA LEU B 508 34.30 28.49 -8.97
C LEU B 508 34.05 28.15 -7.50
N ILE B 509 32.81 27.77 -7.18
CA ILE B 509 32.36 27.48 -5.82
C ILE B 509 32.80 26.09 -5.36
N PHE B 510 32.83 25.12 -6.28
CA PHE B 510 33.26 23.74 -6.04
C PHE B 510 34.69 23.51 -6.53
N ARG B 511 35.26 22.33 -6.22
CA ARG B 511 36.58 21.91 -6.65
C ARG B 511 36.43 20.81 -7.71
N ASN B 512 37.52 20.53 -8.47
CA ASN B 512 37.50 19.56 -9.56
C ASN B 512 37.21 18.16 -9.01
N VAL B 513 37.89 17.80 -7.91
CA VAL B 513 37.84 16.47 -7.32
C VAL B 513 36.40 16.08 -6.97
N GLU B 514 35.65 17.05 -6.40
CA GLU B 514 34.28 16.84 -5.96
C GLU B 514 33.37 16.76 -7.17
N LEU B 515 33.54 17.68 -8.13
CA LEU B 515 32.81 17.76 -9.40
C LEU B 515 32.95 16.47 -10.18
N GLN B 516 34.17 15.93 -10.27
CA GLN B 516 34.45 14.69 -10.98
C GLN B 516 33.75 13.50 -10.31
N CYS B 517 33.63 13.54 -8.98
CA CYS B 517 33.06 12.45 -8.21
C CYS B 517 31.53 12.49 -8.31
N LEU B 518 30.95 13.67 -8.08
CA LEU B 518 29.51 13.89 -8.11
C LEU B 518 28.95 13.70 -9.52
N ASP B 519 29.57 14.40 -10.50
CA ASP B 519 29.25 14.28 -11.91
C ASP B 519 30.31 13.40 -12.60
N ALA B 520 29.99 12.10 -12.75
CA ALA B 520 30.83 11.11 -13.42
C ALA B 520 30.06 10.44 -14.57
N ASP B 521 30.75 10.10 -15.67
CA ASP B 521 30.11 9.48 -16.83
C ASP B 521 29.73 8.03 -16.55
N ASP B 522 30.61 7.31 -15.82
CA ASP B 522 30.39 5.94 -15.35
C ASP B 522 30.48 5.92 -13.83
N ALA B 523 29.74 4.97 -13.19
CA ALA B 523 29.80 4.71 -11.75
C ALA B 523 30.04 3.21 -11.49
C1 NAG C . -36.51 -4.45 28.37
C2 NAG C . -36.92 -4.43 26.89
C3 NAG C . -38.38 -4.83 26.74
C4 NAG C . -38.72 -6.12 27.48
C5 NAG C . -38.22 -6.02 28.92
C6 NAG C . -38.39 -7.30 29.72
C7 NAG C . -35.73 -2.77 25.49
C8 NAG C . -35.56 -1.30 25.28
N2 NAG C . -36.72 -3.11 26.32
O3 NAG C . -38.68 -4.95 25.36
O4 NAG C . -40.13 -6.37 27.49
O5 NAG C . -36.81 -5.70 28.94
O6 NAG C . -37.56 -8.37 29.23
O7 NAG C . -34.94 -3.61 25.06
C1 NAG C . -41.17 -6.81 26.50
C2 NAG C . -41.74 -8.22 26.78
C3 NAG C . -40.98 -9.33 26.05
C4 NAG C . -40.77 -9.01 24.58
C5 NAG C . -40.13 -7.63 24.45
C6 NAG C . -39.99 -7.21 22.99
C7 NAG C . -42.71 -7.92 29.02
C8 NAG C . -42.58 -8.26 30.47
N2 NAG C . -41.83 -8.50 28.20
O3 NAG C . -41.70 -10.55 26.18
O4 NAG C . -39.91 -9.98 24.00
O5 NAG C . -40.97 -6.65 25.09
O6 NAG C . -39.53 -5.87 22.86
O7 NAG C . -43.56 -7.14 28.61
C1 NAG D . -13.66 21.49 -38.86
C2 NAG D . -14.49 21.89 -37.66
C3 NAG D . -15.38 23.08 -37.98
C4 NAG D . -14.60 24.23 -38.61
C5 NAG D . -13.77 23.69 -39.79
C6 NAG D . -12.88 24.73 -40.42
C7 NAG D . -15.10 20.05 -36.11
C8 NAG D . -15.91 18.80 -36.02
N2 NAG D . -15.31 20.79 -37.20
O3 NAG D . -16.01 23.52 -36.80
O4 NAG D . -15.47 25.26 -39.09
O5 NAG D . -12.93 22.61 -39.34
O6 NAG D . -11.82 25.14 -39.56
O7 NAG D . -14.20 20.32 -35.32
C1 NAG D . -16.32 26.33 -38.47
C2 NAG D . -15.82 27.76 -38.76
C3 NAG D . -14.87 28.30 -37.69
C4 NAG D . -15.44 28.08 -36.29
C5 NAG D . -15.83 26.62 -36.11
C6 NAG D . -16.48 26.36 -34.76
C7 NAG D . -15.93 27.87 -41.22
C8 NAG D . -15.13 28.02 -42.48
N2 NAG D . -15.23 27.88 -40.08
O3 NAG D . -14.64 29.68 -37.90
O4 NAG D . -14.47 28.43 -35.31
O5 NAG D . -16.78 26.24 -37.12
O6 NAG D . -16.98 25.02 -34.64
O7 NAG D . -17.15 27.76 -41.24
C1 CLR E . 3.51 13.81 22.57
C2 CLR E . 4.93 14.12 23.01
C3 CLR E . 5.95 13.58 22.03
C4 CLR E . 5.70 14.16 20.65
C5 CLR E . 4.28 13.90 20.17
C6 CLR E . 4.06 13.40 18.96
C7 CLR E . 2.71 13.15 18.34
C8 CLR E . 1.54 13.63 19.18
C9 CLR E . 1.85 13.52 20.68
C10 CLR E . 3.13 14.27 21.13
C11 CLR E . 0.60 13.84 21.53
C12 CLR E . -0.59 12.94 21.16
C13 CLR E . -0.98 13.13 19.69
C14 CLR E . 0.29 12.81 18.86
C15 CLR E . -0.21 12.73 17.43
C16 CLR E . -1.63 12.15 17.56
C17 CLR E . -1.95 12.07 19.07
C18 CLR E . -1.52 14.54 19.48
C19 CLR E . 2.94 15.80 21.13
C20 CLR E . -3.46 12.14 19.38
C21 CLR E . -3.75 11.96 20.87
C22 CLR E . -4.24 11.09 18.58
C23 CLR E . -5.74 11.07 18.78
C24 CLR E . -6.51 10.97 17.50
C25 CLR E . -8.02 10.70 17.60
C26 CLR E . -8.77 11.19 16.37
C27 CLR E . -8.65 11.32 18.84
O1 CLR E . 7.29 13.90 22.46
C1 CLR F . -23.56 7.43 37.73
C2 CLR F . -24.96 7.58 38.34
C3 CLR F . -25.68 6.26 38.40
C4 CLR F . -24.86 5.25 39.20
C5 CLR F . -23.45 5.09 38.67
C6 CLR F . -22.94 3.89 38.45
C7 CLR F . -21.62 3.61 37.80
C8 CLR F . -20.68 4.81 37.88
C9 CLR F . -21.44 6.09 37.50
C10 CLR F . -22.66 6.38 38.43
C11 CLR F . -20.53 7.32 37.32
C12 CLR F . -19.25 7.05 36.51
C13 CLR F . -18.47 5.83 37.01
C14 CLR F . -19.47 4.64 36.98
C15 CLR F . -18.59 3.41 37.14
C16 CLR F . -17.26 3.77 36.44
C17 CLR F . -17.35 5.28 36.07
C18 CLR F . -17.90 6.08 38.43
C19 CLR F . -22.21 6.91 39.81
C20 CLR F . -15.99 6.03 36.05
C21 CLR F . -16.12 7.33 35.25
C22 CLR F . -14.85 5.15 35.49
C23 CLR F . -13.48 5.77 35.54
C24 CLR F . -12.85 5.83 36.92
C25 CLR F . -12.03 7.12 37.19
C26 CLR F . -12.93 8.28 37.57
C27 CLR F . -10.96 6.90 38.26
O1 CLR F . -26.95 6.45 39.03
O12 PC1 G . -19.33 -7.85 -6.98
P PC1 G . -19.41 -6.62 -6.11
O14 PC1 G . -19.72 -5.29 -6.73
O13 PC1 G . -20.43 -6.91 -4.91
C11 PC1 G . -21.72 -7.52 -5.19
C12 PC1 G . -22.72 -6.47 -5.59
N PC1 G . -24.08 -6.93 -6.07
C13 PC1 G . -24.91 -5.74 -6.44
C14 PC1 G . -23.94 -7.81 -7.28
C15 PC1 G . -24.78 -7.69 -5.00
O11 PC1 G . -18.00 -6.46 -5.36
C1 PC1 G . -17.89 -5.54 -4.23
C2 PC1 G . -16.46 -5.04 -4.15
O21 PC1 G . -16.13 -4.75 -2.76
C21 PC1 G . -15.04 -5.34 -2.22
O22 PC1 G . -14.03 -5.59 -2.83
C22 PC1 G . -15.28 -5.83 -0.84
C23 PC1 G . -14.22 -6.78 -0.37
C24 PC1 G . -12.95 -6.07 0.07
C25 PC1 G . -11.67 -6.53 -0.60
C26 PC1 G . -10.53 -5.53 -0.51
C27 PC1 G . -9.94 -5.37 0.88
C28 PC1 G . -8.47 -4.97 0.94
C29 PC1 G . -8.20 -3.64 1.62
C2A PC1 G . -7.17 -3.67 2.73
C2B PC1 G . -5.80 -4.18 2.30
C2C PC1 G . -5.44 -5.56 2.86
C2D PC1 G . -4.58 -6.43 1.95
C2E PC1 G . -3.14 -5.97 1.80
C2F PC1 G . -2.11 -7.10 1.78
C2G PC1 G . -1.42 -7.34 3.11
C2H PC1 G . -0.24 -6.44 3.41
C2I PC1 G . 0.50 -6.84 4.66
C3 PC1 G . -16.23 -3.81 -5.02
O31 PC1 G . -14.81 -3.74 -5.31
C31 PC1 G . -14.05 -2.93 -4.57
O32 PC1 G . -14.45 -2.36 -3.59
C32 PC1 G . -12.67 -2.80 -5.14
C33 PC1 G . -11.73 -3.85 -4.67
C34 PC1 G . -10.28 -3.44 -4.90
C35 PC1 G . -9.24 -4.25 -4.16
C36 PC1 G . -7.95 -3.51 -3.88
C37 PC1 G . -8.10 -2.43 -2.82
C38 PC1 G . -7.67 -1.04 -3.25
C39 PC1 G . -7.27 -0.10 -2.11
C3A PC1 G . -5.78 0.05 -1.95
C3B PC1 G . -5.02 -1.26 -1.74
C3C PC1 G . -3.61 -1.11 -1.24
C3D PC1 G . -3.46 -0.11 -0.13
C3E PC1 G . -2.33 -0.41 0.83
C3F PC1 G . -2.69 -1.31 1.99
C3G PC1 G . -1.62 -2.30 2.36
C3H PC1 G . -0.34 -1.67 2.87
C3I PC1 G . 0.15 -2.33 4.14
N1 H9F H . -13.65 -14.40 18.63
N3 H9F H . -15.89 -10.32 16.57
C4 H9F H . -15.42 -12.61 17.37
C5 H9F H . -16.32 -11.60 16.70
C6 H9F H . -14.57 -9.97 17.04
C7 H9F H . -16.65 -16.50 18.88
C8 H9F H . -17.50 -17.35 17.89
C10 H9F H . -13.77 -17.90 19.23
C13 H9F H . -13.75 -7.98 15.66
C15 H9F H . -11.81 -11.58 19.98
C17 H9F H . -10.32 -12.99 21.66
C20 H9F H . -17.93 -13.24 15.37
C21 H9F H . -18.95 -14.23 16.00
C22 H9F H . -19.75 -13.58 17.12
C24 H9F H . -18.89 -11.20 16.53
C1 H9F H . -14.13 -12.14 17.81
C2 H9F H . -13.23 -13.13 18.48
C3 H9F H . -14.94 -14.76 18.16
N2 H9F H . -15.83 -13.91 17.55
N4 H9F H . -13.70 -10.81 17.62
N5 H9F H . -15.34 -16.13 18.34
O1 H9F H . -17.32 -18.66 18.35
C9 H9F H . -14.43 -17.17 18.03
O2 H9F H . -12.83 -17.03 19.71
N6 H9F H . -14.12 -8.61 16.91
C11 H9F H . -14.01 -7.75 18.13
C12 H9F H . -15.34 -6.94 18.46
O3 H9F H . -16.42 -7.79 18.17
C14 H9F H . -12.32 -8.27 15.24
O4 H9F H . -12.15 -7.65 14.01
N7 H9F H . -11.88 -12.76 18.97
N8 H9F H . -17.67 -12.00 16.24
C16 H9F H . -10.57 -11.62 20.93
C18 H9F H . -11.02 -14.11 20.92
C19 H9F H . -10.99 -13.92 19.40
C23 H9F H . -20.13 -12.15 16.72
C1 CLR I . 4.93 -29.30 1.36
C2 CLR I . 6.22 -29.73 0.65
C3 CLR I . 6.94 -30.80 1.42
C4 CLR I . 6.04 -32.00 1.65
C5 CLR I . 4.70 -31.65 2.25
C6 CLR I . 4.21 -32.35 3.27
C7 CLR I . 2.88 -32.12 3.92
C8 CLR I . 1.99 -31.16 3.14
C9 CLR I . 2.86 -29.98 2.64
C10 CLR I . 3.94 -30.47 1.63
C11 CLR I . 2.05 -28.78 2.11
C12 CLR I . 0.83 -28.40 2.96
C13 CLR I . -0.07 -29.61 3.24
C14 CLR I . 0.82 -30.63 3.97
C15 CLR I . -0.15 -31.63 4.59
C16 CLR I . -1.40 -30.79 4.93
C17 CLR I . -1.19 -29.38 4.31
C18 CLR I . -0.71 -30.16 1.96
C19 CLR I . 3.35 -30.92 0.27
C20 CLR I . -2.52 -28.69 3.93
C21 CLR I . -2.31 -27.40 3.15
C22 CLR I . -3.32 -28.44 5.22
C23 CLR I . -4.41 -29.43 5.52
C24 CLR I . -5.80 -28.88 5.32
C25 CLR I . -6.28 -28.78 3.86
C26 CLR I . -6.19 -27.35 3.32
C27 CLR I . -7.70 -29.30 3.72
O1 CLR I . 8.09 -31.18 0.65
C1 CLR J . -3.58 -18.09 52.61
C2 CLR J . -2.49 -18.43 53.64
C3 CLR J . -1.15 -17.82 53.29
C4 CLR J . -1.27 -16.31 53.08
C5 CLR J . -2.43 -15.92 52.17
C6 CLR J . -2.22 -15.02 51.21
C7 CLR J . -3.26 -14.52 50.26
C8 CLR J . -4.67 -14.87 50.72
C9 CLR J . -4.73 -16.34 51.20
C10 CLR J . -3.79 -16.57 52.43
C11 CLR J . -6.17 -16.82 51.42
C12 CLR J . -7.14 -16.50 50.27
C13 CLR J . -7.13 -15.01 49.89
C14 CLR J . -5.67 -14.67 49.57
C15 CLR J . -5.72 -13.32 48.90
C16 CLR J . -7.02 -13.38 48.07
C17 CLR J . -7.81 -14.64 48.53
C18 CLR J . -7.72 -14.16 51.03
C19 CLR J . -4.39 -15.93 53.69
C20 CLR J . -9.33 -14.41 48.47
C21 CLR J . -10.12 -15.60 49.01
C22 CLR J . -9.83 -14.09 47.05
C23 CLR J . -10.29 -12.65 46.79
C24 CLR J . -9.29 -11.86 45.97
C25 CLR J . -8.99 -10.43 46.40
C26 CLR J . -9.90 -9.45 45.66
C27 CLR J . -7.53 -10.00 46.19
O1 CLR J . -0.22 -18.09 54.34
O12 PC1 K . -12.96 16.71 0.57
P PC1 K . -12.60 16.80 -0.89
O14 PC1 K . -13.59 16.33 -1.93
O13 PC1 K . -12.20 18.33 -1.16
C11 PC1 K . -13.20 19.38 -0.99
C12 PC1 K . -13.91 19.67 -2.30
N PC1 K . -15.27 20.36 -2.24
C13 PC1 K . -15.63 20.90 -3.60
C14 PC1 K . -16.32 19.38 -1.83
C15 PC1 K . -15.24 21.48 -1.26
O11 PC1 K . -11.22 16.01 -1.10
C1 PC1 K . -10.92 15.30 -2.36
C2 PC1 K . -9.96 14.18 -2.00
O21 PC1 K . -9.42 13.52 -3.18
C21 PC1 K . -8.32 14.05 -3.75
O22 PC1 K . -8.03 15.23 -3.70
C22 PC1 K . -7.36 12.98 -4.20
C23 PC1 K . -6.18 12.75 -3.27
C24 PC1 K . -5.45 11.46 -3.56
C25 PC1 K . -4.18 11.27 -2.78
C26 PC1 K . -3.83 9.84 -2.54
C27 PC1 K . -3.23 9.12 -3.74
C28 PC1 K . -3.33 7.62 -3.68
C29 PC1 K . -2.62 6.89 -4.79
C2A PC1 K . -1.32 6.28 -4.37
C2B PC1 K . -0.28 7.28 -3.95
C2C PC1 K . 1.12 6.71 -3.72
C2D PC1 K . 1.80 7.33 -2.52
C2E PC1 K . 3.14 6.73 -2.14
C2F PC1 K . 4.18 6.77 -3.23
C2G PC1 K . 5.49 6.10 -2.85
C2H PC1 K . 5.46 4.59 -2.89
C2I PC1 K . 6.45 3.91 -1.96
C3 PC1 K . -10.61 13.11 -1.12
O31 PC1 K . -9.75 11.96 -1.10
C31 PC1 K . -10.14 10.91 -0.36
O32 PC1 K . -11.26 10.76 0.02
C32 PC1 K . -8.96 10.10 0.08
C33 PC1 K . -7.79 10.93 0.52
C34 PC1 K . -6.80 10.13 1.38
C35 PC1 K . -5.90 9.19 0.60
C36 PC1 K . -5.87 7.76 1.13
C37 PC1 K . -4.96 6.85 0.34
C38 PC1 K . -5.68 5.97 -0.68
C39 PC1 K . -6.16 4.64 -0.16
C3A PC1 K . -5.25 3.47 -0.48
C3B PC1 K . -3.90 3.49 0.24
C3C PC1 K . -2.72 4.00 -0.59
C3D PC1 K . -1.51 3.08 -0.65
C3E PC1 K . -1.37 2.24 -1.92
C3F PC1 K . -0.31 2.71 -2.88
C3G PC1 K . 1.11 2.43 -2.44
C3H PC1 K . 1.55 0.99 -2.46
C3I PC1 K . 2.78 0.80 -3.30
C1 CLR L . 2.42 -15.66 -21.35
C2 CLR L . 3.40 -16.83 -21.29
C3 CLR L . 4.04 -16.96 -19.92
C4 CLR L . 2.95 -17.08 -18.87
C5 CLR L . 1.98 -15.92 -18.90
C6 CLR L . 1.68 -15.25 -17.80
C7 CLR L . 0.63 -14.18 -17.68
C8 CLR L . -0.17 -13.95 -18.96
C9 CLR L . 0.67 -14.22 -20.23
C10 CLR L . 1.33 -15.63 -20.25
C11 CLR L . -0.19 -13.95 -21.48
C12 CLR L . -0.78 -12.54 -21.53
C13 CLR L . -1.58 -12.21 -20.26
C14 CLR L . -0.68 -12.51 -19.04
C15 CLR L . -1.41 -11.89 -17.86
C16 CLR L . -2.17 -10.70 -18.46
C17 CLR L . -1.88 -10.69 -19.98
C18 CLR L . -2.87 -13.02 -20.28
C19 CLR L . 0.28 -16.73 -20.55
C20 CLR L . -2.98 -9.97 -20.80
C21 CLR L . -2.69 -9.95 -22.30
C22 CLR L . -3.19 -8.53 -20.31
C23 CLR L . -4.36 -7.81 -20.91
C24 CLR L . -4.90 -6.64 -20.10
C25 CLR L . -6.29 -6.14 -20.55
C26 CLR L . -7.42 -6.92 -19.89
C27 CLR L . -6.47 -6.17 -22.06
O1 CLR L . 4.92 -18.09 -19.89
C1 CLR M . -7.74 3.22 -44.22
C2 CLR M . -8.61 3.85 -45.30
C3 CLR M . -8.31 5.32 -45.46
C4 CLR M . -6.85 5.54 -45.78
C5 CLR M . -5.92 4.90 -44.75
C6 CLR M . -4.92 5.58 -44.21
C7 CLR M . -4.06 5.09 -43.10
C8 CLR M . -4.06 3.57 -42.98
C9 CLR M . -5.51 3.05 -43.08
C10 CLR M . -6.21 3.43 -44.41
C11 CLR M . -5.65 1.56 -42.72
C12 CLR M . -4.86 1.10 -41.49
C13 CLR M . -3.40 1.56 -41.51
C14 CLR M . -3.43 3.09 -41.68
C15 CLR M . -2.00 3.54 -41.35
C16 CLR M . -1.54 2.56 -40.26
C17 CLR M . -2.62 1.44 -40.16
C18 CLR M . -2.62 0.85 -42.64
C19 CLR M . -5.70 2.57 -45.59
C20 CLR M . -2.08 0.05 -39.75
C21 CLR M . -3.21 -0.82 -39.20
C22 CLR M . -0.92 0.13 -38.74
C23 CLR M . -0.30 -1.20 -38.37
C24 CLR M . 0.59 -1.79 -39.46
C25 CLR M . 0.49 -3.32 -39.62
C26 CLR M . -0.72 -3.72 -40.43
C27 CLR M . 1.76 -3.92 -40.21
O1 CLR M . -9.11 5.85 -46.55
N1 H9F N . 0.43 15.65 -19.63
N3 H9F N . 5.13 17.46 -20.27
C4 H9F N . 3.21 15.97 -19.98
C5 H9F N . 4.67 16.19 -20.20
C6 H9F N . 4.23 18.55 -20.15
C7 H9F N . -0.63 12.95 -20.11
C8 H9F N . -0.87 13.39 -21.56
C10 H9F N . 1.13 11.77 -17.69
C13 H9F N . 4.04 21.06 -19.63
C15 H9F N . -0.10 19.06 -20.69
C17 H9F N . -2.22 20.13 -19.85
C20 H9F N . 5.25 13.67 -20.99
C21 H9F N . 6.24 13.35 -22.14
C22 H9F N . 7.71 13.42 -21.73
C24 H9F N . 7.06 15.17 -19.92
C1 H9F N . 2.37 17.15 -19.87
C2 H9F N . 0.90 16.92 -19.69
C3 H9F N . 1.35 14.56 -19.72
N2 H9F N . 2.68 14.67 -19.89
N4 H9F N . 2.91 18.41 -19.97
N5 H9F N . 0.77 13.23 -19.65
O1 H9F N . -0.49 12.30 -22.37
C9 H9F N . 1.58 12.11 -19.14
O2 H9F N . 1.23 10.39 -17.53
N6 H9F N . 4.74 19.93 -20.23
C11 H9F N . 6.01 20.28 -20.92
C12 H9F N . 7.21 20.37 -19.97
O3 H9F N . 8.36 19.85 -20.57
C14 H9F N . 3.23 21.93 -20.58
O4 H9F N . 3.92 23.14 -20.65
N7 H9F N . -0.08 18.04 -19.57
N8 H9F N . 5.63 15.03 -20.35
C16 H9F N . -0.76 20.38 -20.23
C18 H9F N . -2.35 18.91 -18.87
C19 H9F N . -1.53 17.66 -19.31
C23 H9F N . 8.02 14.78 -21.10
C1 CLR O . 23.22 21.88 2.82
C2 CLR O . 24.28 21.77 3.93
C3 CLR O . 25.12 23.02 4.02
C4 CLR O . 24.25 24.26 4.20
C5 CLR O . 23.17 24.36 3.13
C6 CLR O . 23.02 25.47 2.42
C7 CLR O . 21.97 25.67 1.39
C8 CLR O . 20.84 24.65 1.50
C9 CLR O . 21.44 23.22 1.65
C10 CLR O . 22.30 23.11 2.95
C11 CLR O . 20.36 22.12 1.54
C12 CLR O . 19.36 22.29 0.39
C13 CLR O . 18.74 23.69 0.37
C14 CLR O . 19.92 24.69 0.29
C15 CLR O . 19.32 26.03 -0.13
C16 CLR O . 18.13 25.63 -1.02
C17 CLR O . 17.93 24.10 -0.89
C18 CLR O . 17.86 23.89 1.62
C19 CLR O . 21.41 22.95 4.19
C20 CLR O . 16.43 23.68 -0.95
C21 CLR O . 16.27 22.17 -0.98
C22 CLR O . 15.76 24.36 -2.15
C23 CLR O . 14.78 25.48 -1.84
C24 CLR O . 14.48 26.36 -3.04
C25 CLR O . 13.10 26.18 -3.69
C26 CLR O . 12.86 24.76 -4.17
C27 CLR O . 12.92 27.16 -4.84
O1 CLR O . 26.04 22.91 5.11
C1 CLR P . 28.34 8.94 -47.40
C2 CLR P . 29.62 8.21 -47.82
C3 CLR P . 29.64 6.79 -47.28
C4 CLR P . 28.42 6.04 -47.80
C5 CLR P . 27.11 6.74 -47.47
C6 CLR P . 26.11 6.07 -46.92
C7 CLR P . 24.79 6.66 -46.51
C8 CLR P . 24.55 8.00 -47.21
C9 CLR P . 25.82 8.88 -47.08
C10 CLR P . 27.03 8.24 -47.84
C11 CLR P . 25.59 10.37 -47.42
C12 CLR P . 24.29 10.95 -46.86
C13 CLR P . 23.04 10.11 -47.18
C14 CLR P . 23.33 8.70 -46.62
C15 CLR P . 21.98 7.99 -46.67
C16 CLR P . 20.97 9.10 -46.34
C17 CLR P . 21.74 10.45 -46.41
C18 CLR P . 22.74 10.12 -48.69
C19 CLR P . 26.90 8.36 -49.37
C20 CLR P . 20.82 11.60 -46.90
C21 CLR P . 21.57 12.93 -47.00
C22 CLR P . 19.61 11.75 -45.98
C23 CLR P . 18.30 11.20 -46.49
C24 CLR P . 17.74 10.10 -45.60
C25 CLR P . 17.18 8.85 -46.30
C26 CLR P . 15.97 9.19 -47.14
C27 CLR P . 16.83 7.75 -45.28
O1 CLR P . 30.84 6.13 -47.68
#